data_7HIV
#
_entry.id   7HIV
#
_cell.length_a   87.942
_cell.length_b   87.942
_cell.length_c   85.765
_cell.angle_alpha   90.00
_cell.angle_beta   90.00
_cell.angle_gamma   120.00
#
_symmetry.space_group_name_H-M   'P 31'
#
loop_
_entity.id
_entity.type
_entity.pdbx_description
1 polymer 'Non-structural protein 3'
2 non-polymer 'DIMETHYL SULFOXIDE'
3 non-polymer 2-AMINO-2-HYDROXYMETHYL-PROPANE-1,3-DIOL
4 non-polymer 'CHLORIDE ION'
5 non-polymer 1-({5-[(4-bromophenyl)methyl]-1,2,4-oxadiazol-3-yl}methyl)pyridin-2(1H)-one
6 water water
#
_entity_poly.entity_id   1
_entity_poly.type   'polypeptide(L)'
_entity_poly.pdbx_seq_one_letter_code
;GAMAPSYRVKRMDIAKNDEECVVNAANPRGLPGDGVCKAVYKKWPESFKNSATPVGTAKTVMCGTYPVIHAVGPNFSNYT
ESEGDRELAAAYREVAKEVTRLGVNSVAIPLLSTGVYSGGKDRLTQSLNHLFTAMDSTDADVVIYCRDKEWEKKISEAIQ
MRT
;
_entity_poly.pdbx_strand_id   A,B,C,D
#
loop_
_chem_comp.id
_chem_comp.type
_chem_comp.name
_chem_comp.formula
A1BCQ non-polymer 1-({5-[(4-bromophenyl)methyl]-1,2,4-oxadiazol-3-yl}methyl)pyridin-2(1H)-one 'C15 H12 Br N3 O2'
CL non-polymer 'CHLORIDE ION' 'Cl -1'
DMS non-polymer 'DIMETHYL SULFOXIDE' 'C2 H6 O S'
TRS non-polymer 2-AMINO-2-HYDROXYMETHYL-PROPANE-1,3-DIOL 'C4 H12 N O3 1'
#
# COMPACT_ATOMS: atom_id res chain seq x y z
N GLY A 1 -3.08 19.98 14.52
CA GLY A 1 -4.54 19.88 14.62
C GLY A 1 -5.25 20.51 13.43
N ALA A 2 -6.58 20.27 13.33
CA ALA A 2 -7.36 20.90 12.26
C ALA A 2 -7.52 22.41 12.57
N MET A 3 -7.58 23.28 11.54
CA MET A 3 -7.72 24.73 11.79
C MET A 3 -9.01 25.12 12.53
N ALA A 4 -10.12 24.41 12.24
CA ALA A 4 -11.42 24.65 12.87
C ALA A 4 -12.00 23.27 13.14
N PRO A 5 -11.52 22.59 14.19
CA PRO A 5 -11.93 21.19 14.45
C PRO A 5 -13.46 20.98 14.36
N SER A 6 -13.88 19.96 13.58
CA SER A 6 -15.30 19.71 13.36
C SER A 6 -15.68 18.25 13.60
N TYR A 7 -17.01 18.00 13.61
CA TYR A 7 -17.61 16.67 13.60
C TYR A 7 -18.45 16.58 12.33
N ARG A 8 -18.38 15.44 11.66
CA ARG A 8 -19.19 15.14 10.48
C ARG A 8 -19.66 13.69 10.59
N VAL A 9 -20.72 13.33 9.82
CA VAL A 9 -21.17 11.95 9.80
C VAL A 9 -21.34 11.51 8.35
N LYS A 10 -20.94 10.26 8.03
CA LYS A 10 -21.13 9.71 6.70
C LYS A 10 -21.73 8.31 6.81
N ARG A 11 -22.66 7.97 5.90
N ARG A 11 -22.68 7.99 5.91
CA ARG A 11 -23.30 6.66 5.90
CA ARG A 11 -23.29 6.67 5.88
C ARG A 11 -22.66 5.78 4.81
C ARG A 11 -22.58 5.88 4.78
N MET A 12 -21.61 5.06 5.21
CA MET A 12 -20.82 4.23 4.30
C MET A 12 -19.86 3.35 5.12
N ASP A 13 -19.19 2.46 4.42
CA ASP A 13 -18.22 1.55 5.05
C ASP A 13 -16.99 2.33 5.49
N ILE A 14 -16.67 2.26 6.80
CA ILE A 14 -15.47 2.92 7.36
C ILE A 14 -14.16 2.45 6.72
N ALA A 15 -14.17 1.24 6.10
CA ALA A 15 -12.98 0.77 5.39
C ALA A 15 -12.63 1.63 4.17
N LYS A 16 -13.57 2.51 3.71
CA LYS A 16 -13.36 3.41 2.57
C LYS A 16 -13.15 4.88 3.07
N ASN A 17 -12.75 5.07 4.36
CA ASN A 17 -12.67 6.43 4.92
C ASN A 17 -11.62 7.32 4.25
N ASP A 18 -11.79 8.65 4.39
CA ASP A 18 -10.85 9.61 3.82
C ASP A 18 -10.11 10.38 4.95
N GLU A 19 -9.88 9.69 6.09
CA GLU A 19 -9.23 10.28 7.23
C GLU A 19 -7.81 9.71 7.48
N GLU A 20 -7.05 10.39 8.37
CA GLU A 20 -5.65 9.98 8.59
C GLU A 20 -5.44 8.71 9.43
N CYS A 21 -6.51 8.27 10.08
CA CYS A 21 -6.45 7.04 10.88
C CYS A 21 -7.89 6.56 11.10
N VAL A 22 -8.01 5.29 11.57
CA VAL A 22 -9.32 4.71 11.78
C VAL A 22 -9.39 4.10 13.17
N VAL A 23 -10.60 4.12 13.73
CA VAL A 23 -10.85 3.42 14.99
C VAL A 23 -11.64 2.15 14.63
N ASN A 24 -11.14 0.99 15.08
CA ASN A 24 -11.87 -0.25 14.88
C ASN A 24 -12.73 -0.50 16.13
N ALA A 25 -13.94 -1.03 15.95
CA ALA A 25 -14.83 -1.44 17.04
C ALA A 25 -14.41 -2.90 17.27
N ALA A 26 -13.34 -3.05 18.02
CA ALA A 26 -12.66 -4.33 18.19
C ALA A 26 -13.23 -5.28 19.27
N ASN A 27 -12.83 -6.59 19.20
CA ASN A 27 -13.14 -7.49 20.30
C ASN A 27 -11.86 -7.61 21.15
N PRO A 28 -11.96 -8.08 22.40
CA PRO A 28 -10.76 -8.09 23.26
C PRO A 28 -9.64 -9.03 22.84
N ARG A 29 -9.99 -10.02 22.03
CA ARG A 29 -9.02 -11.06 21.64
C ARG A 29 -8.29 -10.80 20.32
N GLY A 30 -8.61 -9.69 19.68
CA GLY A 30 -7.97 -9.37 18.40
C GLY A 30 -8.38 -10.29 17.28
N LEU A 31 -9.61 -10.85 17.38
CA LEU A 31 -10.13 -11.74 16.34
C LEU A 31 -10.79 -10.93 15.20
N PRO A 32 -10.93 -11.51 13.98
CA PRO A 32 -11.57 -10.77 12.87
C PRO A 32 -12.99 -10.27 13.16
N GLY A 33 -13.74 -11.02 13.97
CA GLY A 33 -15.07 -10.57 14.37
C GLY A 33 -16.12 -10.44 13.29
N ASP A 34 -17.05 -9.48 13.47
CA ASP A 34 -18.19 -9.19 12.59
C ASP A 34 -18.40 -7.66 12.42
N GLY A 35 -19.30 -7.25 11.52
CA GLY A 35 -19.62 -5.83 11.31
C GLY A 35 -18.41 -4.98 10.94
N VAL A 36 -18.22 -3.84 11.65
CA VAL A 36 -17.08 -2.95 11.43
C VAL A 36 -15.75 -3.72 11.56
N CYS A 37 -15.65 -4.58 12.59
CA CYS A 37 -14.40 -5.30 12.87
C CYS A 37 -13.96 -6.17 11.69
N LYS A 38 -14.92 -6.86 11.08
CA LYS A 38 -14.60 -7.72 9.92
C LYS A 38 -14.21 -6.87 8.69
N ALA A 39 -14.85 -5.71 8.50
CA ALA A 39 -14.47 -4.84 7.36
C ALA A 39 -13.03 -4.30 7.57
N VAL A 40 -12.71 -3.97 8.84
CA VAL A 40 -11.39 -3.49 9.18
C VAL A 40 -10.37 -4.61 8.97
N TYR A 41 -10.71 -5.86 9.37
CA TYR A 41 -9.80 -6.98 9.16
C TYR A 41 -9.52 -7.20 7.66
N LYS A 42 -10.53 -7.04 6.81
CA LYS A 42 -10.33 -7.27 5.37
C LYS A 42 -9.43 -6.18 4.76
N LYS A 43 -9.62 -4.92 5.23
CA LYS A 43 -8.86 -3.78 4.66
C LYS A 43 -7.44 -3.63 5.23
N TRP A 44 -7.25 -3.87 6.52
CA TRP A 44 -5.98 -3.67 7.22
C TRP A 44 -5.63 -4.91 8.08
N PRO A 45 -5.53 -6.10 7.48
CA PRO A 45 -5.26 -7.32 8.28
C PRO A 45 -3.96 -7.24 9.09
N GLU A 46 -2.93 -6.56 8.53
CA GLU A 46 -1.63 -6.43 9.23
C GLU A 46 -1.78 -5.76 10.61
N SER A 47 -2.84 -4.91 10.78
CA SER A 47 -3.01 -4.20 12.04
C SER A 47 -3.55 -5.13 13.17
N PHE A 48 -3.83 -6.42 12.87
CA PHE A 48 -4.30 -7.32 13.91
C PHE A 48 -3.16 -8.13 14.57
N LYS A 49 -1.89 -7.78 14.29
CA LYS A 49 -0.77 -8.44 14.96
C LYS A 49 -0.70 -7.89 16.39
N ASN A 50 -0.96 -8.74 17.41
CA ASN A 50 -0.90 -8.31 18.81
C ASN A 50 -1.84 -7.15 19.10
N SER A 51 -3.05 -7.21 18.49
CA SER A 51 -4.03 -6.15 18.75
C SER A 51 -4.94 -6.46 19.96
N ALA A 52 -4.89 -7.67 20.52
CA ALA A 52 -5.69 -8.02 21.70
C ALA A 52 -5.46 -7.03 22.83
N THR A 53 -6.56 -6.57 23.48
CA THR A 53 -6.49 -5.57 24.56
C THR A 53 -7.77 -5.67 25.38
N PRO A 54 -7.76 -5.29 26.66
CA PRO A 54 -8.96 -5.51 27.48
C PRO A 54 -10.15 -4.61 27.14
N VAL A 55 -11.34 -4.98 27.64
CA VAL A 55 -12.53 -4.14 27.49
C VAL A 55 -12.25 -2.76 28.12
N GLY A 56 -12.71 -1.68 27.47
CA GLY A 56 -12.53 -0.33 28.02
C GLY A 56 -11.20 0.32 27.66
N THR A 57 -10.40 -0.33 26.80
CA THR A 57 -9.09 0.18 26.38
C THR A 57 -8.99 0.32 24.86
N ALA A 58 -7.91 0.99 24.40
CA ALA A 58 -7.64 1.13 22.97
C ALA A 58 -6.17 0.81 22.77
N LYS A 59 -5.87 0.12 21.67
CA LYS A 59 -4.48 -0.24 21.35
C LYS A 59 -4.28 0.02 19.88
N THR A 60 -3.27 0.83 19.53
CA THR A 60 -3.02 1.15 18.12
C THR A 60 -1.97 0.24 17.52
N VAL A 61 -2.24 -0.25 16.30
CA VAL A 61 -1.29 -1.06 15.52
C VAL A 61 -1.27 -0.47 14.10
N MET A 62 -0.05 -0.22 13.58
N MET A 62 -0.06 -0.22 13.58
CA MET A 62 0.10 0.36 12.24
CA MET A 62 0.05 0.36 12.24
C MET A 62 -0.13 -0.69 11.14
C MET A 62 -0.19 -0.70 11.17
N CYS A 63 -0.74 -0.26 10.03
CA CYS A 63 -0.83 -1.11 8.83
C CYS A 63 -0.01 -0.25 7.83
N GLY A 64 1.28 -0.59 7.61
CA GLY A 64 2.17 0.30 6.86
C GLY A 64 2.43 1.50 7.76
N THR A 65 2.07 2.70 7.35
CA THR A 65 2.15 3.88 8.23
C THR A 65 0.72 4.35 8.64
N TYR A 66 -0.34 3.58 8.30
CA TYR A 66 -1.71 4.01 8.59
C TYR A 66 -2.11 3.44 9.94
N PRO A 67 -2.46 4.30 10.94
CA PRO A 67 -2.79 3.77 12.27
C PRO A 67 -4.19 3.21 12.38
N VAL A 68 -4.32 2.02 13.01
CA VAL A 68 -5.63 1.42 13.29
C VAL A 68 -5.71 1.38 14.81
N ILE A 69 -6.66 2.15 15.39
CA ILE A 69 -6.83 2.21 16.85
C ILE A 69 -7.91 1.22 17.23
N HIS A 70 -7.51 0.07 17.83
CA HIS A 70 -8.47 -0.96 18.18
C HIS A 70 -9.10 -0.59 19.52
N ALA A 71 -10.38 -0.18 19.51
CA ALA A 71 -11.07 0.26 20.75
C ALA A 71 -12.10 -0.79 21.14
N VAL A 72 -11.99 -1.31 22.38
CA VAL A 72 -12.86 -2.40 22.81
C VAL A 72 -13.99 -1.92 23.69
N GLY A 73 -15.16 -1.72 23.11
CA GLY A 73 -16.34 -1.39 23.87
C GLY A 73 -16.85 -2.66 24.55
N PRO A 74 -17.65 -2.48 25.61
CA PRO A 74 -18.19 -3.65 26.34
C PRO A 74 -19.30 -4.31 25.53
N ASN A 75 -19.49 -5.62 25.77
CA ASN A 75 -20.64 -6.33 25.18
C ASN A 75 -21.74 -6.25 26.25
N PHE A 76 -22.80 -5.49 26.00
CA PHE A 76 -23.88 -5.30 26.97
C PHE A 76 -24.69 -6.58 27.24
N SER A 77 -24.47 -7.66 26.46
CA SER A 77 -25.10 -8.95 26.81
C SER A 77 -24.42 -9.52 28.09
N ASN A 78 -23.13 -9.15 28.35
CA ASN A 78 -22.37 -9.68 29.48
C ASN A 78 -22.30 -8.72 30.66
N TYR A 79 -22.28 -7.41 30.41
CA TYR A 79 -22.15 -6.41 31.45
C TYR A 79 -23.51 -5.90 31.93
N THR A 80 -23.57 -5.41 33.20
CA THR A 80 -24.78 -4.73 33.66
C THR A 80 -24.83 -3.35 32.93
N GLU A 81 -25.98 -2.65 32.97
CA GLU A 81 -26.06 -1.33 32.34
C GLU A 81 -25.05 -0.36 32.97
N SER A 82 -24.92 -0.38 34.29
CA SER A 82 -24.00 0.49 35.03
C SER A 82 -22.52 0.23 34.67
N GLU A 83 -22.08 -1.04 34.72
CA GLU A 83 -20.69 -1.35 34.43
C GLU A 83 -20.36 -1.16 32.95
N GLY A 84 -21.31 -1.52 32.09
CA GLY A 84 -21.10 -1.35 30.65
C GLY A 84 -20.99 0.11 30.29
N ASP A 85 -21.82 0.97 30.93
CA ASP A 85 -21.76 2.42 30.68
C ASP A 85 -20.38 2.96 31.01
N ARG A 86 -19.80 2.48 32.13
CA ARG A 86 -18.50 2.96 32.56
C ARG A 86 -17.41 2.53 31.56
N GLU A 87 -17.45 1.24 31.10
CA GLU A 87 -16.44 0.74 30.16
C GLU A 87 -16.55 1.39 28.79
N LEU A 88 -17.76 1.72 28.36
CA LEU A 88 -17.97 2.36 27.05
C LEU A 88 -17.36 3.78 27.11
N ALA A 89 -17.64 4.53 28.21
CA ALA A 89 -17.02 5.86 28.36
C ALA A 89 -15.48 5.76 28.38
N ALA A 90 -14.96 4.72 29.10
CA ALA A 90 -13.51 4.53 29.21
C ALA A 90 -12.88 4.24 27.85
N ALA A 91 -13.52 3.38 27.01
CA ALA A 91 -12.92 3.06 25.70
C ALA A 91 -12.77 4.37 24.87
N TYR A 92 -13.80 5.24 24.90
CA TYR A 92 -13.69 6.48 24.14
C TYR A 92 -12.61 7.41 24.71
N ARG A 93 -12.43 7.47 26.07
CA ARG A 93 -11.34 8.30 26.60
C ARG A 93 -9.97 7.80 26.07
N GLU A 94 -9.81 6.45 25.97
CA GLU A 94 -8.54 5.89 25.45
C GLU A 94 -8.35 6.22 23.96
N VAL A 95 -9.45 6.27 23.19
CA VAL A 95 -9.35 6.67 21.77
C VAL A 95 -8.84 8.13 21.69
N ALA A 96 -9.39 9.02 22.55
CA ALA A 96 -8.93 10.43 22.52
C ALA A 96 -7.42 10.55 22.84
N LYS A 97 -6.94 9.75 23.82
CA LYS A 97 -5.50 9.79 24.15
C LYS A 97 -4.67 9.30 22.93
N GLU A 98 -5.15 8.22 22.24
CA GLU A 98 -4.38 7.70 21.09
C GLU A 98 -4.37 8.67 19.92
N VAL A 99 -5.54 9.28 19.61
CA VAL A 99 -5.61 10.27 18.52
C VAL A 99 -4.65 11.43 18.81
N THR A 100 -4.62 11.87 20.08
CA THR A 100 -3.72 12.99 20.46
C THR A 100 -2.24 12.56 20.30
N ARG A 101 -1.91 11.38 20.83
CA ARG A 101 -0.53 10.87 20.77
C ARG A 101 -0.02 10.74 19.31
N LEU A 102 -0.91 10.28 18.42
CA LEU A 102 -0.57 10.09 17.00
C LEU A 102 -0.34 11.41 16.23
N GLY A 103 -0.89 12.50 16.73
CA GLY A 103 -0.70 13.81 16.09
C GLY A 103 -1.49 13.98 14.80
N VAL A 104 -2.49 13.07 14.54
CA VAL A 104 -3.29 13.15 13.33
C VAL A 104 -4.18 14.40 13.31
N ASN A 105 -4.52 14.85 12.11
CA ASN A 105 -5.46 15.96 11.93
C ASN A 105 -6.93 15.49 11.70
N SER A 106 -7.13 14.19 11.46
CA SER A 106 -8.48 13.66 11.27
C SER A 106 -8.53 12.18 11.70
N VAL A 107 -9.72 11.72 12.09
CA VAL A 107 -9.91 10.32 12.51
C VAL A 107 -11.32 9.85 12.11
N ALA A 108 -11.41 8.60 11.58
CA ALA A 108 -12.70 7.98 11.20
C ALA A 108 -13.11 7.09 12.40
N ILE A 109 -14.32 7.25 12.91
N ILE A 109 -14.31 7.28 12.94
CA ILE A 109 -14.74 6.51 14.10
CA ILE A 109 -14.72 6.53 14.14
C ILE A 109 -16.14 5.94 13.98
C ILE A 109 -16.13 5.95 13.99
N PRO A 110 -16.34 4.69 14.40
CA PRO A 110 -17.71 4.13 14.44
C PRO A 110 -18.34 4.35 15.86
N LEU A 111 -19.67 4.13 16.03
CA LEU A 111 -20.26 4.22 17.38
C LEU A 111 -20.07 2.88 18.09
N LEU A 112 -19.15 2.86 19.08
CA LEU A 112 -18.85 1.62 19.81
C LEU A 112 -20.08 1.09 20.54
N SER A 113 -20.14 -0.25 20.65
CA SER A 113 -21.17 -1.01 21.38
C SER A 113 -22.60 -0.78 20.85
N THR A 114 -22.73 -0.36 19.55
CA THR A 114 -24.07 -0.16 18.99
C THR A 114 -24.58 -1.28 18.08
N GLY A 115 -23.71 -2.21 17.73
CA GLY A 115 -24.06 -3.33 16.85
C GLY A 115 -24.30 -4.59 17.67
N VAL A 116 -23.55 -5.68 17.40
CA VAL A 116 -23.73 -6.95 18.12
C VAL A 116 -23.35 -6.87 19.62
N TYR A 117 -22.61 -5.82 20.05
CA TYR A 117 -22.35 -5.65 21.48
C TYR A 117 -23.43 -4.78 22.18
N SER A 118 -24.51 -4.39 21.48
CA SER A 118 -25.53 -3.52 22.10
C SER A 118 -26.48 -4.23 23.10
N GLY A 119 -26.44 -5.57 23.15
CA GLY A 119 -27.39 -6.31 24.00
C GLY A 119 -28.83 -6.13 23.54
N GLY A 120 -29.02 -5.91 22.22
CA GLY A 120 -30.35 -5.74 21.63
C GLY A 120 -31.04 -4.41 21.90
N LYS A 121 -30.29 -3.40 22.38
CA LYS A 121 -30.83 -2.09 22.71
C LYS A 121 -30.30 -1.02 21.75
N ASP A 122 -31.08 0.08 21.59
CA ASP A 122 -30.67 1.22 20.75
C ASP A 122 -29.81 2.06 21.65
N ARG A 123 -28.49 2.14 21.32
CA ARG A 123 -27.52 2.89 22.13
C ARG A 123 -26.87 4.04 21.34
N LEU A 124 -27.56 4.54 20.27
CA LEU A 124 -27.03 5.67 19.50
C LEU A 124 -26.68 6.86 20.42
N THR A 125 -27.68 7.35 21.21
CA THR A 125 -27.42 8.55 22.02
C THR A 125 -26.39 8.29 23.10
N GLN A 126 -26.46 7.13 23.76
CA GLN A 126 -25.48 6.78 24.79
C GLN A 126 -24.05 6.76 24.25
N SER A 127 -23.86 6.05 23.13
CA SER A 127 -22.52 5.89 22.57
C SER A 127 -22.02 7.23 22.00
N LEU A 128 -22.89 7.95 21.29
CA LEU A 128 -22.47 9.23 20.67
C LEU A 128 -22.12 10.25 21.75
N ASN A 129 -22.89 10.29 22.86
CA ASN A 129 -22.57 11.26 23.91
C ASN A 129 -21.20 10.94 24.55
N HIS A 130 -20.88 9.60 24.75
CA HIS A 130 -19.57 9.28 25.32
C HIS A 130 -18.46 9.63 24.31
N LEU A 131 -18.74 9.53 22.99
CA LEU A 131 -17.80 9.90 21.94
C LEU A 131 -17.51 11.42 22.09
N PHE A 132 -18.59 12.23 22.17
CA PHE A 132 -18.42 13.69 22.32
C PHE A 132 -17.65 14.02 23.61
N THR A 133 -17.99 13.37 24.75
CA THR A 133 -17.30 13.68 26.02
C THR A 133 -15.78 13.49 25.90
N ALA A 134 -15.36 12.43 25.16
CA ALA A 134 -13.94 12.16 25.04
C ALA A 134 -13.29 13.05 23.96
N MET A 135 -13.95 13.20 22.81
CA MET A 135 -13.30 13.84 21.65
C MET A 135 -13.38 15.38 21.65
N ASP A 136 -14.30 15.98 22.44
CA ASP A 136 -14.46 17.44 22.40
C ASP A 136 -13.17 18.22 22.68
N SER A 137 -12.33 17.68 23.60
CA SER A 137 -11.10 18.39 23.94
C SER A 137 -9.95 18.14 22.95
N THR A 138 -10.18 17.29 21.93
CA THR A 138 -9.16 17.08 20.91
C THR A 138 -9.36 18.08 19.78
N ASP A 139 -8.30 18.31 18.98
CA ASP A 139 -8.43 19.23 17.84
C ASP A 139 -8.41 18.51 16.48
N ALA A 140 -8.64 17.19 16.46
CA ALA A 140 -8.71 16.48 15.18
C ALA A 140 -10.13 16.63 14.58
N ASP A 141 -10.23 16.63 13.24
CA ASP A 141 -11.53 16.57 12.57
C ASP A 141 -12.03 15.13 12.77
N VAL A 142 -13.24 14.97 13.31
CA VAL A 142 -13.79 13.63 13.57
C VAL A 142 -14.86 13.33 12.55
N VAL A 143 -14.79 12.14 11.90
CA VAL A 143 -15.83 11.75 10.94
C VAL A 143 -16.41 10.44 11.42
N ILE A 144 -17.69 10.46 11.81
CA ILE A 144 -18.37 9.30 12.36
C ILE A 144 -18.97 8.53 11.21
N TYR A 145 -18.79 7.20 11.20
CA TYR A 145 -19.33 6.36 10.13
C TYR A 145 -20.47 5.50 10.67
N CYS A 146 -21.55 5.42 9.91
CA CYS A 146 -22.71 4.59 10.29
C CYS A 146 -23.23 3.89 9.04
N ARG A 147 -24.19 2.93 9.20
CA ARG A 147 -24.72 2.28 7.99
C ARG A 147 -26.23 2.47 7.83
N ASP A 148 -26.95 2.91 8.87
CA ASP A 148 -28.41 3.05 8.81
C ASP A 148 -28.84 4.48 8.48
N LYS A 149 -29.82 4.63 7.55
CA LYS A 149 -30.27 5.94 7.10
C LYS A 149 -30.87 6.78 8.25
N GLU A 150 -31.64 6.14 9.13
CA GLU A 150 -32.25 6.87 10.25
C GLU A 150 -31.19 7.27 11.27
N TRP A 151 -30.18 6.39 11.48
CA TRP A 151 -29.08 6.75 12.39
C TRP A 151 -28.28 7.92 11.83
N GLU A 152 -28.05 7.95 10.50
CA GLU A 152 -27.32 9.07 9.89
C GLU A 152 -28.00 10.42 10.20
N LYS A 153 -29.33 10.45 10.03
CA LYS A 153 -30.10 11.66 10.28
C LYS A 153 -30.01 12.07 11.77
N LYS A 154 -30.14 11.10 12.70
CA LYS A 154 -30.08 11.39 14.15
C LYS A 154 -28.70 11.85 14.60
N ILE A 155 -27.64 11.24 14.07
CA ILE A 155 -26.27 11.66 14.41
C ILE A 155 -26.03 13.07 13.86
N SER A 156 -26.46 13.32 12.61
CA SER A 156 -26.29 14.64 12.00
C SER A 156 -27.03 15.71 12.80
N GLU A 157 -28.26 15.40 13.25
CA GLU A 157 -29.02 16.36 14.05
C GLU A 157 -28.30 16.67 15.36
N ALA A 158 -27.75 15.64 16.03
CA ALA A 158 -27.06 15.83 17.30
C ALA A 158 -25.80 16.70 17.09
N ILE A 159 -25.07 16.49 15.97
CA ILE A 159 -23.90 17.31 15.68
C ILE A 159 -24.32 18.79 15.47
N GLN A 160 -25.32 19.02 14.60
CA GLN A 160 -25.74 20.39 14.26
C GLN A 160 -26.30 21.15 15.44
N MET A 161 -27.02 20.45 16.33
CA MET A 161 -27.65 21.07 17.52
C MET A 161 -26.65 21.83 18.39
N ARG A 162 -25.41 21.33 18.46
CA ARG A 162 -24.41 21.94 19.34
C ARG A 162 -23.62 23.09 18.73
N THR A 163 -23.79 23.35 17.42
CA THR A 163 -23.08 24.43 16.74
C THR A 163 -23.82 25.76 16.79
N GLY B 1 -11.23 28.16 -16.98
CA GLY B 1 -11.03 27.20 -18.07
C GLY B 1 -9.58 26.82 -18.27
N ALA B 2 -9.34 25.74 -19.02
CA ALA B 2 -7.96 25.33 -19.31
C ALA B 2 -7.32 26.35 -20.25
N MET B 3 -5.97 26.55 -20.16
CA MET B 3 -5.30 27.53 -21.03
C MET B 3 -5.40 27.22 -22.53
N ALA B 4 -5.37 25.94 -22.87
CA ALA B 4 -5.47 25.49 -24.26
C ALA B 4 -6.35 24.24 -24.19
N PRO B 5 -7.68 24.42 -24.08
CA PRO B 5 -8.58 23.26 -23.87
C PRO B 5 -8.28 22.08 -24.80
N SER B 6 -8.12 20.88 -24.22
CA SER B 6 -7.77 19.71 -25.01
C SER B 6 -8.66 18.50 -24.70
N TYR B 7 -8.56 17.48 -25.53
CA TYR B 7 -9.09 16.15 -25.31
C TYR B 7 -7.87 15.19 -25.23
N ARG B 8 -7.92 14.28 -24.25
CA ARG B 8 -6.91 13.23 -24.08
C ARG B 8 -7.63 11.92 -23.76
N VAL B 9 -6.96 10.78 -23.96
CA VAL B 9 -7.56 9.49 -23.60
C VAL B 9 -6.59 8.72 -22.67
N LYS B 10 -7.12 8.05 -21.63
CA LYS B 10 -6.30 7.25 -20.70
C LYS B 10 -6.95 5.88 -20.59
N ARG B 11 -6.16 4.82 -20.65
CA ARG B 11 -6.63 3.45 -20.50
C ARG B 11 -6.36 3.00 -19.06
N MET B 12 -7.34 3.22 -18.17
CA MET B 12 -7.21 2.86 -16.75
C MET B 12 -8.57 3.04 -16.07
N ASP B 13 -8.64 2.64 -14.79
CA ASP B 13 -9.86 2.77 -13.99
C ASP B 13 -10.13 4.25 -13.71
N ILE B 14 -11.29 4.75 -14.19
CA ILE B 14 -11.66 6.16 -14.02
C ILE B 14 -11.75 6.58 -12.53
N ALA B 15 -11.88 5.63 -11.58
CA ALA B 15 -11.86 5.98 -10.13
C ALA B 15 -10.49 6.52 -9.66
N LYS B 16 -9.43 6.18 -10.40
CA LYS B 16 -8.09 6.66 -10.09
C LYS B 16 -7.74 7.93 -10.86
N ASN B 17 -8.75 8.64 -11.43
CA ASN B 17 -8.49 9.81 -12.24
C ASN B 17 -7.79 10.90 -11.46
N ASP B 18 -7.01 11.74 -12.16
CA ASP B 18 -6.32 12.90 -11.58
C ASP B 18 -7.04 14.23 -11.96
N GLU B 19 -8.29 14.17 -12.47
CA GLU B 19 -9.01 15.37 -12.88
C GLU B 19 -9.83 16.00 -11.75
N GLU B 20 -10.36 17.21 -11.98
CA GLU B 20 -11.09 17.94 -10.94
C GLU B 20 -12.49 17.40 -10.63
N CYS B 21 -13.03 16.54 -11.50
CA CYS B 21 -14.33 15.94 -11.26
C CYS B 21 -14.45 14.69 -12.15
N VAL B 22 -15.44 13.84 -11.85
CA VAL B 22 -15.65 12.63 -12.61
C VAL B 22 -17.09 12.53 -13.07
N VAL B 23 -17.29 11.92 -14.24
CA VAL B 23 -18.63 11.59 -14.73
C VAL B 23 -18.82 10.09 -14.52
N ASN B 24 -19.87 9.72 -13.79
CA ASN B 24 -20.16 8.31 -13.57
C ASN B 24 -21.13 7.89 -14.72
N ALA B 25 -20.96 6.67 -15.23
CA ALA B 25 -21.88 6.07 -16.22
C ALA B 25 -22.92 5.39 -15.35
N ALA B 26 -23.86 6.19 -14.87
CA ALA B 26 -24.83 5.77 -13.87
C ALA B 26 -26.08 5.02 -14.39
N ASN B 27 -26.79 4.33 -13.46
CA ASN B 27 -28.09 3.81 -13.77
C ASN B 27 -29.13 4.83 -13.19
N PRO B 28 -30.39 4.76 -13.63
CA PRO B 28 -31.37 5.78 -13.19
C PRO B 28 -31.72 5.72 -11.70
N ARG B 29 -31.37 4.61 -11.03
CA ARG B 29 -31.81 4.41 -9.65
C ARG B 29 -30.76 4.69 -8.58
N GLY B 30 -29.56 5.12 -8.97
CA GLY B 30 -28.49 5.38 -7.97
C GLY B 30 -27.99 4.09 -7.32
N LEU B 31 -28.07 2.98 -8.07
CA LEU B 31 -27.59 1.71 -7.55
C LEU B 31 -26.11 1.52 -7.91
N PRO B 32 -25.39 0.69 -7.14
CA PRO B 32 -24.06 0.26 -7.61
C PRO B 32 -24.38 -0.60 -8.86
N GLY B 33 -23.59 -0.49 -9.88
CA GLY B 33 -23.88 -1.19 -11.11
C GLY B 33 -22.74 -2.04 -11.52
N ASP B 34 -22.41 -1.98 -12.77
CA ASP B 34 -21.32 -2.71 -13.38
C ASP B 34 -20.29 -1.72 -13.89
N GLY B 35 -19.13 -2.26 -14.32
CA GLY B 35 -18.05 -1.52 -14.95
C GLY B 35 -17.70 -0.23 -14.26
N VAL B 36 -17.77 0.90 -14.99
CA VAL B 36 -17.45 2.21 -14.41
C VAL B 36 -18.23 2.52 -13.12
N CYS B 37 -19.54 2.29 -13.13
CA CYS B 37 -20.38 2.59 -11.96
C CYS B 37 -19.91 1.87 -10.71
N LYS B 38 -19.55 0.58 -10.87
CA LYS B 38 -19.07 -0.24 -9.74
C LYS B 38 -17.77 0.34 -9.18
N ALA B 39 -16.90 0.81 -10.06
CA ALA B 39 -15.64 1.41 -9.66
C ALA B 39 -15.86 2.75 -8.96
N VAL B 40 -16.85 3.55 -9.43
CA VAL B 40 -17.14 4.83 -8.78
C VAL B 40 -17.77 4.61 -7.38
N TYR B 41 -18.60 3.56 -7.26
CA TYR B 41 -19.21 3.24 -5.97
C TYR B 41 -18.16 2.78 -4.96
N LYS B 42 -17.11 2.09 -5.44
CA LYS B 42 -16.08 1.57 -4.52
C LYS B 42 -15.33 2.74 -3.84
N LYS B 43 -15.18 3.89 -4.53
CA LYS B 43 -14.46 5.04 -3.96
C LYS B 43 -15.36 6.14 -3.35
N TRP B 44 -16.44 6.47 -4.04
CA TRP B 44 -17.35 7.51 -3.59
C TRP B 44 -18.78 6.98 -3.39
N PRO B 45 -18.98 6.01 -2.48
CA PRO B 45 -20.35 5.49 -2.27
C PRO B 45 -21.30 6.55 -1.77
N GLU B 46 -20.81 7.50 -0.96
CA GLU B 46 -21.66 8.56 -0.44
C GLU B 46 -22.13 9.52 -1.56
N SER B 47 -21.47 9.48 -2.75
CA SER B 47 -21.97 10.25 -3.89
C SER B 47 -23.27 9.72 -4.42
N PHE B 48 -23.67 8.48 -4.02
CA PHE B 48 -24.91 7.86 -4.47
C PHE B 48 -26.11 8.26 -3.59
N LYS B 49 -25.90 9.14 -2.58
CA LYS B 49 -27.00 9.58 -1.74
C LYS B 49 -27.91 10.47 -2.61
N ASN B 50 -29.13 10.01 -2.86
CA ASN B 50 -30.09 10.77 -3.69
C ASN B 50 -29.57 11.07 -5.09
N SER B 51 -28.85 10.11 -5.68
CA SER B 51 -28.29 10.32 -7.03
C SER B 51 -29.26 9.82 -8.14
N ALA B 52 -30.41 9.18 -7.77
CA ALA B 52 -31.37 8.71 -8.78
C ALA B 52 -31.84 9.86 -9.67
N THR B 53 -31.85 9.64 -11.00
CA THR B 53 -32.19 10.69 -11.96
C THR B 53 -32.61 9.98 -13.27
N PRO B 54 -33.47 10.61 -14.10
CA PRO B 54 -33.96 9.89 -15.28
C PRO B 54 -32.92 9.67 -16.38
N VAL B 55 -33.25 8.76 -17.33
CA VAL B 55 -32.41 8.56 -18.51
C VAL B 55 -32.31 9.88 -19.29
N GLY B 56 -31.12 10.18 -19.79
CA GLY B 56 -30.90 11.39 -20.57
C GLY B 56 -30.55 12.62 -19.73
N THR B 57 -30.36 12.42 -18.39
CA THR B 57 -30.04 13.53 -17.48
C THR B 57 -28.73 13.29 -16.73
N ALA B 58 -28.25 14.35 -16.03
CA ALA B 58 -27.07 14.24 -15.19
C ALA B 58 -27.41 14.88 -13.83
N LYS B 59 -26.96 14.23 -12.76
CA LYS B 59 -27.20 14.78 -11.43
C LYS B 59 -25.90 14.74 -10.67
N THR B 60 -25.42 15.90 -10.16
CA THR B 60 -24.13 15.95 -9.47
C THR B 60 -24.29 15.85 -7.94
N VAL B 61 -23.48 15.01 -7.29
CA VAL B 61 -23.44 14.92 -5.82
C VAL B 61 -22.02 15.23 -5.40
N MET B 62 -21.84 16.23 -4.51
CA MET B 62 -20.51 16.63 -4.06
C MET B 62 -20.03 15.70 -2.94
N CYS B 63 -18.75 15.32 -2.98
CA CYS B 63 -18.15 14.55 -1.88
C CYS B 63 -17.06 15.46 -1.40
N GLY B 64 -17.39 16.30 -0.40
CA GLY B 64 -16.49 17.34 0.06
C GLY B 64 -16.44 18.39 -1.04
N THR B 65 -15.24 18.55 -1.65
CA THR B 65 -15.12 19.49 -2.77
C THR B 65 -15.05 18.74 -4.12
N TYR B 66 -15.14 17.39 -4.13
CA TYR B 66 -14.99 16.64 -5.37
C TYR B 66 -16.37 16.34 -5.97
N PRO B 67 -16.69 16.88 -7.15
CA PRO B 67 -18.01 16.58 -7.76
C PRO B 67 -18.05 15.25 -8.51
N VAL B 68 -19.16 14.49 -8.32
CA VAL B 68 -19.39 13.26 -9.06
C VAL B 68 -20.65 13.52 -9.86
N ILE B 69 -20.53 13.57 -11.20
CA ILE B 69 -21.65 13.89 -12.08
C ILE B 69 -22.24 12.56 -12.56
N HIS B 70 -23.40 12.17 -12.04
CA HIS B 70 -24.02 10.91 -12.43
C HIS B 70 -24.77 11.12 -13.74
N ALA B 71 -24.26 10.55 -14.86
CA ALA B 71 -24.91 10.76 -16.17
C ALA B 71 -25.55 9.46 -16.61
N VAL B 72 -26.87 9.50 -16.91
CA VAL B 72 -27.60 8.28 -17.24
C VAL B 72 -27.85 8.11 -18.73
N GLY B 73 -27.03 7.29 -19.38
CA GLY B 73 -27.23 6.97 -20.79
C GLY B 73 -28.33 5.92 -20.88
N PRO B 74 -28.92 5.81 -22.07
CA PRO B 74 -29.98 4.82 -22.26
C PRO B 74 -29.42 3.40 -22.34
N ASN B 75 -30.25 2.41 -21.96
CA ASN B 75 -29.88 1.00 -22.14
C ASN B 75 -30.48 0.60 -23.48
N PHE B 76 -29.64 0.37 -24.51
CA PHE B 76 -30.11 0.02 -25.85
C PHE B 76 -30.83 -1.37 -25.90
N SER B 77 -30.79 -2.16 -24.81
CA SER B 77 -31.62 -3.38 -24.79
C SER B 77 -33.11 -2.98 -24.66
N ASN B 78 -33.41 -1.78 -24.05
CA ASN B 78 -34.78 -1.31 -23.82
C ASN B 78 -35.24 -0.26 -24.82
N TYR B 79 -34.35 0.64 -25.23
CA TYR B 79 -34.68 1.72 -26.16
C TYR B 79 -34.50 1.28 -27.61
N THR B 80 -35.27 1.89 -28.53
CA THR B 80 -35.04 1.65 -29.96
C THR B 80 -33.76 2.43 -30.35
N GLU B 81 -33.20 2.15 -31.54
CA GLU B 81 -32.01 2.90 -32.00
C GLU B 81 -32.33 4.42 -32.09
N SER B 82 -33.52 4.74 -32.59
CA SER B 82 -33.92 6.15 -32.73
C SER B 82 -34.01 6.85 -31.36
N GLU B 83 -34.81 6.28 -30.44
CA GLU B 83 -35.02 6.95 -29.15
C GLU B 83 -33.75 6.94 -28.29
N GLY B 84 -32.99 5.86 -28.38
CA GLY B 84 -31.75 5.75 -27.61
C GLY B 84 -30.73 6.76 -28.09
N ASP B 85 -30.67 6.99 -29.42
CA ASP B 85 -29.70 7.95 -29.96
C ASP B 85 -29.99 9.35 -29.40
N ARG B 86 -31.29 9.71 -29.31
CA ARG B 86 -31.66 11.03 -28.77
C ARG B 86 -31.30 11.13 -27.25
N GLU B 87 -31.57 10.07 -26.46
CA GLU B 87 -31.27 10.10 -25.01
C GLU B 87 -29.77 10.12 -24.73
N LEU B 88 -28.99 9.45 -25.59
CA LEU B 88 -27.53 9.41 -25.37
C LEU B 88 -26.95 10.83 -25.64
N ALA B 89 -27.44 11.47 -26.73
CA ALA B 89 -27.00 12.85 -26.99
C ALA B 89 -27.40 13.78 -25.83
N ALA B 90 -28.63 13.59 -25.30
CA ALA B 90 -29.13 14.42 -24.20
C ALA B 90 -28.30 14.28 -22.94
N ALA B 91 -27.93 13.00 -22.57
CA ALA B 91 -27.13 12.81 -21.35
C ALA B 91 -25.81 13.60 -21.45
N TYR B 92 -25.15 13.53 -22.64
CA TYR B 92 -23.89 14.27 -22.78
C TYR B 92 -24.11 15.79 -22.72
N ARG B 93 -25.23 16.31 -23.32
CA ARG B 93 -25.48 17.77 -23.22
C ARG B 93 -25.64 18.18 -21.73
N GLU B 94 -26.31 17.34 -20.90
N GLU B 94 -26.28 17.33 -20.93
CA GLU B 94 -26.45 17.70 -19.46
CA GLU B 94 -26.44 17.63 -19.51
C GLU B 94 -25.08 17.67 -18.77
C GLU B 94 -25.11 17.59 -18.74
N VAL B 95 -24.19 16.72 -19.18
CA VAL B 95 -22.83 16.67 -18.58
C VAL B 95 -22.10 18.00 -18.91
N ALA B 96 -22.21 18.49 -20.18
CA ALA B 96 -21.56 19.76 -20.54
C ALA B 96 -22.06 20.93 -19.69
N LYS B 97 -23.38 20.98 -19.45
CA LYS B 97 -23.96 22.04 -18.61
C LYS B 97 -23.41 21.95 -17.18
N GLU B 98 -23.33 20.69 -16.61
CA GLU B 98 -22.84 20.53 -15.24
C GLU B 98 -21.33 20.89 -15.13
N VAL B 99 -20.51 20.46 -16.13
CA VAL B 99 -19.08 20.80 -16.08
C VAL B 99 -18.91 22.34 -16.12
N THR B 100 -19.74 23.00 -16.97
CA THR B 100 -19.63 24.47 -17.06
C THR B 100 -20.06 25.10 -15.73
N ARG B 101 -21.19 24.64 -15.18
CA ARG B 101 -21.70 25.20 -13.89
C ARG B 101 -20.66 25.06 -12.76
N LEU B 102 -20.00 23.90 -12.70
CA LEU B 102 -19.02 23.61 -11.64
C LEU B 102 -17.78 24.47 -11.72
N GLY B 103 -17.47 25.01 -12.92
CA GLY B 103 -16.29 25.87 -13.09
C GLY B 103 -14.97 25.12 -13.06
N VAL B 104 -15.01 23.77 -13.21
CA VAL B 104 -13.81 22.96 -13.19
C VAL B 104 -12.95 23.21 -14.42
N ASN B 105 -11.66 22.99 -14.27
CA ASN B 105 -10.73 23.11 -15.40
C ASN B 105 -10.43 21.77 -16.09
N SER B 106 -10.86 20.65 -15.49
CA SER B 106 -10.69 19.33 -16.10
C SER B 106 -11.82 18.40 -15.63
N VAL B 107 -12.09 17.36 -16.44
CA VAL B 107 -13.14 16.39 -16.13
C VAL B 107 -12.76 15.03 -16.71
N ALA B 108 -13.00 13.95 -15.92
CA ALA B 108 -12.74 12.57 -16.35
C ALA B 108 -14.11 12.03 -16.84
N ILE B 109 -14.18 11.52 -18.07
N ILE B 109 -14.19 11.55 -18.09
CA ILE B 109 -15.46 11.04 -18.61
CA ILE B 109 -15.48 11.07 -18.63
C ILE B 109 -15.32 9.69 -19.29
C ILE B 109 -15.32 9.70 -19.28
N PRO B 110 -16.28 8.78 -19.04
CA PRO B 110 -16.26 7.48 -19.75
C PRO B 110 -17.16 7.57 -21.02
N LEU B 111 -17.14 6.53 -21.90
CA LEU B 111 -18.06 6.53 -23.05
C LEU B 111 -19.39 5.90 -22.63
N LEU B 112 -20.40 6.77 -22.45
CA LEU B 112 -21.72 6.32 -22.01
C LEU B 112 -22.34 5.32 -23.01
N SER B 113 -23.13 4.39 -22.46
CA SER B 113 -23.89 3.37 -23.22
C SER B 113 -23.02 2.44 -24.07
N THR B 114 -21.71 2.29 -23.72
CA THR B 114 -20.84 1.38 -24.47
C THR B 114 -20.56 0.04 -23.81
N GLY B 115 -20.98 -0.12 -22.57
CA GLY B 115 -20.73 -1.38 -21.86
C GLY B 115 -22.00 -2.23 -21.82
N VAL B 116 -22.49 -2.55 -20.61
CA VAL B 116 -23.71 -3.35 -20.47
C VAL B 116 -25.00 -2.64 -20.99
N TYR B 117 -24.96 -1.32 -21.25
CA TYR B 117 -26.10 -0.64 -21.85
C TYR B 117 -26.00 -0.59 -23.40
N SER B 118 -24.99 -1.24 -24.01
CA SER B 118 -24.83 -1.13 -25.47
C SER B 118 -25.83 -1.99 -26.30
N GLY B 119 -26.56 -2.89 -25.65
CA GLY B 119 -27.45 -3.79 -26.39
C GLY B 119 -26.66 -4.75 -27.28
N GLY B 120 -25.41 -5.07 -26.88
CA GLY B 120 -24.55 -5.99 -27.62
C GLY B 120 -23.93 -5.45 -28.90
N LYS B 121 -23.99 -4.11 -29.11
CA LYS B 121 -23.43 -3.46 -30.28
C LYS B 121 -22.18 -2.62 -29.90
N ASP B 122 -21.25 -2.45 -30.87
CA ASP B 122 -20.05 -1.61 -30.69
C ASP B 122 -20.52 -0.18 -30.89
N ARG B 123 -20.52 0.63 -29.81
CA ARG B 123 -21.00 2.01 -29.91
C ARG B 123 -19.90 3.07 -29.63
N LEU B 124 -18.62 2.70 -29.83
CA LEU B 124 -17.51 3.66 -29.61
C LEU B 124 -17.74 4.94 -30.44
N THR B 125 -17.93 4.79 -31.76
CA THR B 125 -18.06 6.00 -32.61
C THR B 125 -19.31 6.82 -32.28
N GLN B 126 -20.44 6.14 -32.07
CA GLN B 126 -21.68 6.85 -31.72
C GLN B 126 -21.55 7.65 -30.42
N SER B 127 -21.04 6.97 -29.38
CA SER B 127 -20.94 7.62 -28.08
C SER B 127 -19.90 8.74 -28.09
N LEU B 128 -18.73 8.49 -28.74
CA LEU B 128 -17.68 9.53 -28.79
C LEU B 128 -18.18 10.73 -29.59
N ASN B 129 -18.93 10.48 -30.68
CA ASN B 129 -19.48 11.60 -31.48
C ASN B 129 -20.40 12.50 -30.61
N HIS B 130 -21.30 11.85 -29.81
CA HIS B 130 -22.18 12.65 -28.96
C HIS B 130 -21.40 13.37 -27.84
N LEU B 131 -20.30 12.76 -27.38
CA LEU B 131 -19.45 13.36 -26.34
C LEU B 131 -18.84 14.67 -26.93
N PHE B 132 -18.23 14.55 -28.12
CA PHE B 132 -17.66 15.75 -28.77
C PHE B 132 -18.76 16.82 -29.02
N THR B 133 -19.94 16.40 -29.57
CA THR B 133 -21.00 17.41 -29.86
C THR B 133 -21.34 18.26 -28.63
N ALA B 134 -21.36 17.58 -27.44
CA ALA B 134 -21.69 18.32 -26.22
C ALA B 134 -20.48 19.10 -25.66
N MET B 135 -19.29 18.46 -25.62
CA MET B 135 -18.15 19.03 -24.91
C MET B 135 -17.32 20.03 -25.72
N ASP B 136 -17.47 20.06 -27.06
CA ASP B 136 -16.63 20.95 -27.89
C ASP B 136 -16.73 22.42 -27.48
N SER B 137 -17.92 22.87 -27.07
CA SER B 137 -18.10 24.27 -26.70
C SER B 137 -17.66 24.59 -25.26
N THR B 138 -17.24 23.57 -24.49
CA THR B 138 -16.73 23.83 -23.13
C THR B 138 -15.23 24.08 -23.20
N ASP B 139 -14.67 24.73 -22.13
CA ASP B 139 -13.24 24.99 -22.13
C ASP B 139 -12.47 24.17 -21.09
N ALA B 140 -13.09 23.10 -20.57
CA ALA B 140 -12.39 22.23 -19.64
C ALA B 140 -11.49 21.26 -20.41
N ASP B 141 -10.38 20.81 -19.78
CA ASP B 141 -9.60 19.74 -20.36
C ASP B 141 -10.42 18.47 -20.14
N VAL B 142 -10.74 17.74 -21.21
CA VAL B 142 -11.54 16.52 -21.09
C VAL B 142 -10.60 15.32 -21.22
N VAL B 143 -10.69 14.35 -20.26
CA VAL B 143 -9.87 13.15 -20.31
C VAL B 143 -10.84 11.99 -20.37
N ILE B 144 -10.87 11.30 -21.52
CA ILE B 144 -11.76 10.17 -21.74
C ILE B 144 -11.10 8.91 -21.24
N TYR B 145 -11.84 8.10 -20.47
CA TYR B 145 -11.26 6.86 -19.92
C TYR B 145 -11.83 5.67 -20.65
N CYS B 146 -11.00 4.64 -20.82
CA CYS B 146 -11.45 3.38 -21.41
C CYS B 146 -10.63 2.24 -20.79
N ARG B 147 -10.98 0.98 -21.05
CA ARG B 147 -10.20 -0.14 -20.49
C ARG B 147 -9.50 -0.98 -21.59
N ASP B 148 -10.05 -0.96 -22.80
CA ASP B 148 -9.59 -1.80 -23.91
C ASP B 148 -8.50 -1.13 -24.76
N LYS B 149 -7.41 -1.88 -25.06
CA LYS B 149 -6.29 -1.35 -25.84
C LYS B 149 -6.69 -0.90 -27.24
N GLU B 150 -7.57 -1.66 -27.91
CA GLU B 150 -8.00 -1.28 -29.27
C GLU B 150 -8.92 -0.05 -29.20
N TRP B 151 -9.76 0.05 -28.15
CA TRP B 151 -10.61 1.24 -27.99
C TRP B 151 -9.73 2.47 -27.72
N GLU B 152 -8.68 2.33 -26.89
CA GLU B 152 -7.75 3.46 -26.63
C GLU B 152 -7.15 4.01 -27.94
N LYS B 153 -6.69 3.11 -28.82
CA LYS B 153 -6.11 3.50 -30.10
C LYS B 153 -7.13 4.22 -30.98
N LYS B 154 -8.38 3.69 -31.06
CA LYS B 154 -9.42 4.30 -31.90
C LYS B 154 -9.88 5.66 -31.36
N ILE B 155 -9.97 5.80 -30.03
CA ILE B 155 -10.36 7.10 -29.44
C ILE B 155 -9.25 8.12 -29.68
N SER B 156 -7.99 7.68 -29.47
CA SER B 156 -6.83 8.55 -29.70
C SER B 156 -6.79 9.03 -31.17
N GLU B 157 -7.06 8.11 -32.12
CA GLU B 157 -7.05 8.47 -33.54
C GLU B 157 -8.13 9.50 -33.84
N ALA B 158 -9.34 9.31 -33.26
CA ALA B 158 -10.44 10.23 -33.50
C ALA B 158 -10.09 11.62 -32.95
N ILE B 159 -9.44 11.69 -31.77
CA ILE B 159 -9.05 12.99 -31.21
C ILE B 159 -8.02 13.70 -32.14
N GLN B 160 -6.96 12.95 -32.51
CA GLN B 160 -5.88 13.54 -33.34
C GLN B 160 -6.33 13.98 -34.71
N MET B 161 -7.27 13.24 -35.32
CA MET B 161 -7.79 13.53 -36.67
C MET B 161 -8.39 14.93 -36.79
N ARG B 162 -8.94 15.46 -35.69
CA ARG B 162 -9.60 16.77 -35.73
C ARG B 162 -8.67 17.96 -35.55
N THR B 163 -7.41 17.72 -35.15
CA THR B 163 -6.41 18.76 -34.91
C THR B 163 -5.53 19.05 -36.16
N GLY C 1 26.32 -7.94 -5.93
CA GLY C 1 25.92 -6.99 -4.91
C GLY C 1 27.08 -6.16 -4.40
N ALA C 2 26.78 -5.06 -3.66
CA ALA C 2 27.85 -4.25 -3.07
C ALA C 2 28.52 -5.06 -1.93
N MET C 3 29.83 -4.88 -1.71
CA MET C 3 30.51 -5.63 -0.64
C MET C 3 29.96 -5.37 0.77
N ALA C 4 29.53 -4.11 1.03
CA ALA C 4 28.99 -3.70 2.33
C ALA C 4 27.83 -2.77 1.98
N PRO C 5 26.68 -3.38 1.60
CA PRO C 5 25.54 -2.55 1.14
C PRO C 5 25.20 -1.37 2.06
N SER C 6 25.11 -0.15 1.48
CA SER C 6 24.87 1.05 2.28
C SER C 6 23.70 1.88 1.73
N TYR C 7 23.27 2.89 2.53
CA TYR C 7 22.37 3.94 2.14
C TYR C 7 23.16 5.25 2.25
N ARG C 8 22.96 6.14 1.27
CA ARG C 8 23.53 7.48 1.28
C ARG C 8 22.50 8.46 0.74
N VAL C 9 22.67 9.75 1.04
CA VAL C 9 21.78 10.77 0.49
C VAL C 9 22.61 11.88 -0.17
N LYS C 10 22.14 12.38 -1.32
CA LYS C 10 22.83 13.48 -2.01
C LYS C 10 21.82 14.54 -2.39
N ARG C 11 22.20 15.81 -2.25
CA ARG C 11 21.35 16.93 -2.61
C ARG C 11 21.84 17.41 -3.99
N MET C 12 21.28 16.82 -5.06
CA MET C 12 21.65 17.15 -6.43
C MET C 12 20.64 16.55 -7.42
N ASP C 13 20.78 16.93 -8.69
CA ASP C 13 19.93 16.44 -9.75
C ASP C 13 20.17 14.95 -9.98
N ILE C 14 19.11 14.12 -9.81
CA ILE C 14 19.19 12.67 -10.04
C ILE C 14 19.56 12.33 -11.48
N ALA C 15 19.29 13.26 -12.43
CA ALA C 15 19.68 13.04 -13.82
C ALA C 15 21.22 13.04 -13.99
N LYS C 16 21.98 13.46 -12.97
N LYS C 16 21.98 13.46 -12.97
CA LYS C 16 23.43 13.45 -13.02
CA LYS C 16 23.43 13.43 -13.03
C LYS C 16 24.01 12.43 -12.00
C LYS C 16 24.01 12.43 -12.00
N ASN C 17 23.23 11.38 -11.66
CA ASN C 17 23.67 10.40 -10.67
C ASN C 17 24.94 9.64 -11.07
N ASP C 18 25.60 9.05 -10.09
CA ASP C 18 26.83 8.27 -10.27
C ASP C 18 26.57 6.78 -9.97
N GLU C 19 25.33 6.30 -10.18
CA GLU C 19 24.96 4.92 -9.91
C GLU C 19 24.68 4.11 -11.20
N GLU C 20 24.55 2.78 -11.05
CA GLU C 20 24.37 1.88 -12.21
C GLU C 20 22.99 1.92 -12.85
N CYS C 21 22.01 2.49 -12.15
CA CYS C 21 20.66 2.63 -12.70
C CYS C 21 19.92 3.72 -11.93
N VAL C 22 18.78 4.17 -12.48
CA VAL C 22 18.02 5.25 -11.86
C VAL C 22 16.56 4.84 -11.72
N VAL C 23 15.90 5.36 -10.68
CA VAL C 23 14.46 5.19 -10.50
C VAL C 23 13.83 6.52 -10.88
N ASN C 24 12.88 6.46 -11.82
CA ASN C 24 12.15 7.65 -12.24
C ASN C 24 10.83 7.70 -11.40
N ALA C 25 10.44 8.89 -10.92
CA ALA C 25 9.16 9.08 -10.18
C ALA C 25 8.15 9.34 -11.30
N ALA C 26 7.73 8.23 -11.91
CA ALA C 26 6.96 8.20 -13.16
C ALA C 26 5.45 8.40 -12.98
N ASN C 27 4.71 8.61 -14.10
CA ASN C 27 3.24 8.72 -14.05
C ASN C 27 2.69 7.46 -14.79
N PRO C 28 1.45 7.08 -14.49
CA PRO C 28 0.88 5.87 -15.11
C PRO C 28 0.88 5.82 -16.64
N ARG C 29 0.84 6.96 -17.35
CA ARG C 29 0.77 7.00 -18.82
C ARG C 29 2.14 7.01 -19.53
N GLY C 30 3.24 7.19 -18.77
CA GLY C 30 4.57 7.20 -19.36
C GLY C 30 4.93 8.46 -20.10
N LEU C 31 4.32 9.58 -19.68
CA LEU C 31 4.50 10.90 -20.26
C LEU C 31 5.70 11.64 -19.63
N PRO C 32 6.23 12.70 -20.31
CA PRO C 32 7.37 13.45 -19.75
C PRO C 32 7.14 14.03 -18.35
N GLY C 33 5.90 14.41 -18.05
CA GLY C 33 5.54 14.93 -16.73
C GLY C 33 6.24 16.18 -16.26
N ASP C 34 6.45 16.30 -14.94
CA ASP C 34 7.09 17.44 -14.26
C ASP C 34 8.07 16.95 -13.15
N GLY C 35 8.83 17.87 -12.56
CA GLY C 35 9.77 17.52 -11.49
C GLY C 35 10.84 16.53 -11.91
N VAL C 36 11.05 15.47 -11.10
CA VAL C 36 12.04 14.42 -11.39
C VAL C 36 11.78 13.79 -12.76
N CYS C 37 10.51 13.47 -13.04
CA CYS C 37 10.08 12.86 -14.28
C CYS C 37 10.51 13.63 -15.53
N LYS C 38 10.39 14.97 -15.52
CA LYS C 38 10.82 15.80 -16.64
C LYS C 38 12.37 15.84 -16.80
N ALA C 39 13.14 15.89 -15.71
CA ALA C 39 14.61 15.89 -15.80
C ALA C 39 15.09 14.52 -16.35
N VAL C 40 14.39 13.41 -15.96
CA VAL C 40 14.64 12.06 -16.42
C VAL C 40 14.31 11.96 -17.92
N TYR C 41 13.20 12.57 -18.35
CA TYR C 41 12.83 12.58 -19.77
C TYR C 41 13.89 13.29 -20.60
N LYS C 42 14.44 14.41 -20.11
CA LYS C 42 15.46 15.14 -20.88
C LYS C 42 16.76 14.36 -20.98
N LYS C 43 17.13 13.64 -19.91
CA LYS C 43 18.38 12.88 -19.89
C LYS C 43 18.32 11.51 -20.62
N TRP C 44 17.21 10.77 -20.44
CA TRP C 44 17.06 9.43 -20.99
C TRP C 44 15.71 9.29 -21.74
N PRO C 45 15.48 10.11 -22.79
CA PRO C 45 14.18 10.06 -23.48
C PRO C 45 13.80 8.69 -24.04
N GLU C 46 14.79 7.94 -24.51
CA GLU C 46 14.60 6.62 -25.09
C GLU C 46 13.96 5.62 -24.13
N SER C 47 14.22 5.79 -22.81
CA SER C 47 13.62 4.88 -21.82
C SER C 47 12.10 5.07 -21.65
N PHE C 48 11.49 6.03 -22.37
CA PHE C 48 10.05 6.27 -22.25
C PHE C 48 9.24 5.50 -23.33
N LYS C 49 9.90 4.65 -24.14
CA LYS C 49 9.20 3.83 -25.14
C LYS C 49 8.45 2.73 -24.38
N ASN C 50 7.10 2.74 -24.43
CA ASN C 50 6.27 1.74 -23.74
C ASN C 50 6.59 1.66 -22.24
N SER C 51 6.78 2.82 -21.60
CA SER C 51 7.08 2.85 -20.17
C SER C 51 5.84 2.96 -19.29
N ALA C 52 4.63 3.10 -19.89
CA ALA C 52 3.40 3.20 -19.09
C ALA C 52 3.24 1.97 -18.20
N THR C 53 2.89 2.18 -16.93
CA THR C 53 2.72 1.11 -15.95
C THR C 53 1.77 1.63 -14.84
N PRO C 54 0.91 0.77 -14.27
CA PRO C 54 -0.11 1.29 -13.32
C PRO C 54 0.45 1.81 -12.01
N VAL C 55 -0.40 2.51 -11.23
CA VAL C 55 -0.01 2.96 -9.88
C VAL C 55 0.35 1.75 -9.03
N GLY C 56 1.41 1.87 -8.23
CA GLY C 56 1.87 0.81 -7.35
C GLY C 56 2.80 -0.20 -8.00
N THR C 57 3.22 0.04 -9.27
CA THR C 57 4.11 -0.86 -10.01
C THR C 57 5.39 -0.13 -10.48
N ALA C 58 6.35 -0.90 -10.99
CA ALA C 58 7.57 -0.37 -11.59
C ALA C 58 7.83 -1.10 -12.89
N LYS C 59 8.30 -0.38 -13.91
CA LYS C 59 8.62 -1.00 -15.20
C LYS C 59 9.97 -0.45 -15.67
N THR C 60 10.91 -1.33 -16.00
CA THR C 60 12.23 -0.87 -16.43
C THR C 60 12.35 -0.81 -17.94
N VAL C 61 12.91 0.29 -18.46
CA VAL C 61 13.17 0.44 -19.89
C VAL C 61 14.61 0.94 -20.02
N MET C 62 15.39 0.30 -20.90
N MET C 62 15.38 0.30 -20.90
CA MET C 62 16.79 0.65 -21.11
CA MET C 62 16.77 0.68 -21.07
C MET C 62 16.95 1.90 -21.97
C MET C 62 16.92 1.93 -21.93
N CYS C 63 17.93 2.73 -21.65
CA CYS C 63 18.31 3.85 -22.49
C CYS C 63 19.74 3.43 -22.88
N GLY C 64 19.93 2.83 -24.08
CA GLY C 64 21.22 2.22 -24.41
C GLY C 64 21.33 0.96 -23.57
N THR C 65 22.30 0.88 -22.65
CA THR C 65 22.38 -0.22 -21.69
C THR C 65 22.07 0.31 -20.24
N TYR C 66 21.66 1.59 -20.09
CA TYR C 66 21.47 2.17 -18.78
C TYR C 66 20.00 1.96 -18.36
N PRO C 67 19.74 1.22 -17.26
CA PRO C 67 18.32 0.97 -16.91
C PRO C 67 17.65 2.15 -16.22
N VAL C 68 16.41 2.46 -16.67
CA VAL C 68 15.59 3.46 -16.02
C VAL C 68 14.38 2.70 -15.48
N ILE C 69 14.22 2.67 -14.14
CA ILE C 69 13.12 1.97 -13.49
C ILE C 69 12.00 2.96 -13.24
N HIS C 70 10.93 2.89 -14.03
CA HIS C 70 9.83 3.85 -13.89
C HIS C 70 8.90 3.36 -12.77
N ALA C 71 8.91 4.04 -11.63
CA ALA C 71 8.11 3.62 -10.46
C ALA C 71 6.97 4.60 -10.24
N VAL C 72 5.72 4.08 -10.23
CA VAL C 72 4.55 4.95 -10.13
C VAL C 72 3.95 4.97 -8.73
N GLY C 73 4.26 5.99 -7.97
CA GLY C 73 3.65 6.14 -6.66
C GLY C 73 2.28 6.77 -6.85
N PRO C 74 1.43 6.63 -5.83
CA PRO C 74 0.10 7.24 -5.92
C PRO C 74 0.15 8.77 -5.83
N ASN C 75 -0.83 9.44 -6.43
CA ASN C 75 -0.97 10.88 -6.29
C ASN C 75 -1.96 11.05 -5.14
N PHE C 76 -1.49 11.55 -4.00
CA PHE C 76 -2.34 11.73 -2.81
C PHE C 76 -3.43 12.80 -2.98
N SER C 77 -3.43 13.55 -4.10
CA SER C 77 -4.57 14.46 -4.35
C SER C 77 -5.82 13.58 -4.71
N ASN C 78 -5.59 12.37 -5.27
CA ASN C 78 -6.65 11.49 -5.74
C ASN C 78 -6.97 10.35 -4.75
N TYR C 79 -5.93 9.81 -4.10
CA TYR C 79 -6.06 8.69 -3.18
C TYR C 79 -6.32 9.14 -1.76
N THR C 80 -7.02 8.30 -0.99
CA THR C 80 -7.18 8.58 0.44
C THR C 80 -5.82 8.24 1.10
N GLU C 81 -5.63 8.63 2.39
CA GLU C 81 -4.40 8.28 3.10
C GLU C 81 -4.25 6.75 3.21
N SER C 82 -5.37 6.08 3.50
CA SER C 82 -5.33 4.61 3.61
C SER C 82 -4.91 3.91 2.29
N GLU C 83 -5.64 4.22 1.20
CA GLU C 83 -5.36 3.53 -0.08
C GLU C 83 -3.97 3.92 -0.64
N GLY C 84 -3.66 5.20 -0.51
CA GLY C 84 -2.38 5.71 -1.00
C GLY C 84 -1.21 5.09 -0.27
N ASP C 85 -1.34 4.90 1.08
CA ASP C 85 -0.27 4.29 1.86
C ASP C 85 0.06 2.89 1.33
N ARG C 86 -0.97 2.13 1.00
CA ARG C 86 -0.77 0.78 0.46
C ARG C 86 -0.07 0.79 -0.94
N GLU C 87 -0.48 1.72 -1.81
CA GLU C 87 0.10 1.78 -3.16
C GLU C 87 1.55 2.29 -3.13
N LEU C 88 1.85 3.19 -2.18
CA LEU C 88 3.22 3.75 -2.07
C LEU C 88 4.16 2.62 -1.62
N ALA C 89 3.72 1.81 -0.61
CA ALA C 89 4.53 0.67 -0.19
C ALA C 89 4.76 -0.31 -1.37
N ALA C 90 3.70 -0.57 -2.15
CA ALA C 90 3.76 -1.49 -3.28
C ALA C 90 4.74 -1.02 -4.35
N ALA C 91 4.74 0.30 -4.66
CA ALA C 91 5.65 0.83 -5.71
C ALA C 91 7.10 0.58 -5.29
N TYR C 92 7.43 0.82 -3.99
CA TYR C 92 8.79 0.56 -3.54
C TYR C 92 9.14 -0.94 -3.58
N ARG C 93 8.18 -1.82 -3.24
N ARG C 93 8.18 -1.82 -3.24
CA ARG C 93 8.42 -3.26 -3.33
CA ARG C 93 8.44 -3.27 -3.33
C ARG C 93 8.76 -3.69 -4.77
C ARG C 93 8.77 -3.68 -4.78
N GLU C 94 8.11 -3.06 -5.76
CA GLU C 94 8.37 -3.37 -7.16
C GLU C 94 9.74 -2.80 -7.59
N VAL C 95 10.18 -1.67 -6.99
CA VAL C 95 11.53 -1.14 -7.28
C VAL C 95 12.58 -2.16 -6.76
N ALA C 96 12.35 -2.73 -5.56
CA ALA C 96 13.31 -3.71 -5.02
C ALA C 96 13.42 -4.94 -5.91
N LYS C 97 12.27 -5.42 -6.45
CA LYS C 97 12.29 -6.57 -7.36
C LYS C 97 13.08 -6.21 -8.65
N GLU C 98 12.86 -4.99 -9.21
CA GLU C 98 13.56 -4.61 -10.46
C GLU C 98 15.05 -4.44 -10.26
N VAL C 99 15.45 -3.80 -9.14
CA VAL C 99 16.88 -3.65 -8.84
C VAL C 99 17.56 -5.02 -8.71
N THR C 100 16.84 -5.97 -8.05
CA THR C 100 17.38 -7.32 -7.87
C THR C 100 17.49 -8.03 -9.23
N ARG C 101 16.43 -7.96 -10.04
CA ARG C 101 16.41 -8.61 -11.36
C ARG C 101 17.55 -8.11 -12.25
N LEU C 102 17.84 -6.80 -12.19
CA LEU C 102 18.91 -6.19 -13.01
C LEU C 102 20.33 -6.61 -12.59
N GLY C 103 20.49 -7.03 -11.33
CA GLY C 103 21.82 -7.45 -10.86
C GLY C 103 22.78 -6.29 -10.62
N VAL C 104 22.28 -5.04 -10.59
CA VAL C 104 23.11 -3.86 -10.36
C VAL C 104 23.70 -3.83 -8.95
N ASN C 105 24.84 -3.14 -8.81
CA ASN C 105 25.45 -2.96 -7.51
C ASN C 105 25.05 -1.61 -6.84
N SER C 106 24.37 -0.72 -7.58
CA SER C 106 23.95 0.56 -7.03
C SER C 106 22.75 1.09 -7.77
N VAL C 107 21.96 1.94 -7.07
CA VAL C 107 20.75 2.52 -7.66
C VAL C 107 20.53 3.93 -7.10
N ALA C 108 20.13 4.89 -7.98
CA ALA C 108 19.80 6.26 -7.59
C ALA C 108 18.27 6.31 -7.46
N ILE C 109 17.77 6.78 -6.32
N ILE C 109 17.75 6.74 -6.31
CA ILE C 109 16.30 6.78 -6.11
CA ILE C 109 16.29 6.75 -6.08
C ILE C 109 15.81 8.09 -5.52
C ILE C 109 15.80 8.07 -5.51
N PRO C 110 14.64 8.57 -6.00
CA PRO C 110 14.04 9.77 -5.39
C PRO C 110 12.96 9.31 -4.36
N LEU C 111 12.49 10.22 -3.50
CA LEU C 111 11.40 9.84 -2.56
C LEU C 111 10.06 9.93 -3.29
N LEU C 112 9.46 8.78 -3.57
CA LEU C 112 8.22 8.69 -4.34
C LEU C 112 7.06 9.39 -3.60
N SER C 113 6.10 9.95 -4.37
CA SER C 113 4.90 10.60 -3.83
C SER C 113 5.20 11.81 -2.90
N THR C 114 6.40 12.46 -3.02
CA THR C 114 6.69 13.62 -2.16
C THR C 114 6.64 14.99 -2.88
N GLY C 115 6.49 14.99 -4.19
CA GLY C 115 6.45 16.26 -4.94
C GLY C 115 5.03 16.66 -5.32
N VAL C 116 4.77 16.83 -6.63
CA VAL C 116 3.43 17.14 -7.07
C VAL C 116 2.42 16.03 -6.73
N TYR C 117 2.87 14.81 -6.39
CA TYR C 117 1.96 13.73 -5.97
C TYR C 117 1.74 13.70 -4.44
N SER C 118 2.29 14.67 -3.68
CA SER C 118 2.15 14.63 -2.21
C SER C 118 0.81 15.06 -1.66
N GLY C 119 -0.04 15.65 -2.50
CA GLY C 119 -1.31 16.19 -2.03
C GLY C 119 -1.14 17.35 -1.06
N GLY C 120 -0.04 18.09 -1.20
CA GLY C 120 0.28 19.23 -0.34
C GLY C 120 0.73 18.89 1.06
N LYS C 121 1.10 17.63 1.32
CA LYS C 121 1.54 17.18 2.64
C LYS C 121 3.03 16.83 2.63
N ASP C 122 3.70 16.95 3.80
CA ASP C 122 5.11 16.58 3.93
C ASP C 122 5.10 15.07 4.14
N ARG C 123 5.65 14.32 3.14
CA ARG C 123 5.69 12.86 3.21
C ARG C 123 7.10 12.28 3.28
N LEU C 124 8.09 13.07 3.76
CA LEU C 124 9.47 12.58 3.84
C LEU C 124 9.56 11.26 4.67
N THR C 125 9.06 11.28 5.90
CA THR C 125 9.16 10.11 6.77
C THR C 125 8.38 8.94 6.22
N GLN C 126 7.16 9.19 5.76
CA GLN C 126 6.33 8.09 5.20
C GLN C 126 7.03 7.41 4.00
N SER C 127 7.48 8.24 3.05
CA SER C 127 8.08 7.70 1.82
C SER C 127 9.41 7.01 2.13
N LEU C 128 10.24 7.64 2.98
CA LEU C 128 11.53 7.04 3.33
C LEU C 128 11.34 5.71 4.09
N ASN C 129 10.32 5.63 4.97
CA ASN C 129 10.05 4.39 5.69
C ASN C 129 9.67 3.27 4.70
N HIS C 130 8.83 3.57 3.69
CA HIS C 130 8.46 2.55 2.72
C HIS C 130 9.67 2.14 1.85
N LEU C 131 10.57 3.12 1.59
CA LEU C 131 11.80 2.86 0.82
C LEU C 131 12.65 1.85 1.60
N PHE C 132 12.90 2.12 2.89
CA PHE C 132 13.69 1.20 3.72
C PHE C 132 13.04 -0.18 3.82
N THR C 133 11.70 -0.24 3.99
CA THR C 133 11.03 -1.55 4.13
C THR C 133 11.27 -2.44 2.90
N ALA C 134 11.29 -1.81 1.70
CA ALA C 134 11.49 -2.56 0.46
C ALA C 134 12.96 -2.84 0.18
N MET C 135 13.84 -1.82 0.38
CA MET C 135 15.23 -1.96 -0.05
C MET C 135 16.17 -2.62 0.97
N ASP C 136 15.76 -2.72 2.27
CA ASP C 136 16.67 -3.32 3.27
C ASP C 136 17.15 -4.72 2.92
N SER C 137 16.27 -5.53 2.26
CA SER C 137 16.68 -6.91 1.93
C SER C 137 17.46 -7.00 0.64
N THR C 138 17.69 -5.87 -0.06
CA THR C 138 18.53 -5.91 -1.28
C THR C 138 19.98 -5.65 -0.87
N ASP C 139 20.93 -6.02 -1.76
CA ASP C 139 22.34 -5.81 -1.50
C ASP C 139 22.96 -4.71 -2.38
N ALA C 140 22.12 -3.89 -3.04
CA ALA C 140 22.65 -2.78 -3.82
C ALA C 140 22.95 -1.58 -2.91
N ASP C 141 23.97 -0.76 -3.29
CA ASP C 141 24.18 0.50 -2.61
C ASP C 141 23.04 1.44 -3.06
N VAL C 142 22.30 2.03 -2.12
CA VAL C 142 21.18 2.91 -2.48
C VAL C 142 21.59 4.33 -2.24
N VAL C 143 21.39 5.22 -3.24
CA VAL C 143 21.72 6.64 -3.09
C VAL C 143 20.46 7.43 -3.34
N ILE C 144 19.94 8.06 -2.28
CA ILE C 144 18.69 8.82 -2.33
C ILE C 144 18.98 10.23 -2.75
N TYR C 145 18.27 10.75 -3.77
CA TYR C 145 18.50 12.12 -4.26
C TYR C 145 17.39 13.05 -3.82
N CYS C 146 17.75 14.25 -3.33
CA CYS C 146 16.77 15.24 -2.91
C CYS C 146 17.24 16.63 -3.40
N ARG C 147 16.38 17.64 -3.29
CA ARG C 147 16.70 19.00 -3.72
C ARG C 147 16.75 20.01 -2.57
N ASP C 148 16.09 19.70 -1.43
CA ASP C 148 15.98 20.62 -0.30
C ASP C 148 17.02 20.35 0.80
N LYS C 149 17.65 21.42 1.32
CA LYS C 149 18.68 21.31 2.36
C LYS C 149 18.16 20.70 3.68
N GLU C 150 16.93 21.07 4.09
CA GLU C 150 16.37 20.52 5.31
C GLU C 150 16.00 19.05 5.11
N TRP C 151 15.53 18.68 3.91
CA TRP C 151 15.22 17.27 3.63
C TRP C 151 16.50 16.44 3.63
N GLU C 152 17.60 16.99 3.06
CA GLU C 152 18.89 16.28 3.08
C GLU C 152 19.33 15.92 4.52
N LYS C 153 19.22 16.89 5.44
CA LYS C 153 19.59 16.70 6.83
C LYS C 153 18.71 15.63 7.50
N LYS C 154 17.40 15.69 7.29
CA LYS C 154 16.47 14.72 7.88
C LYS C 154 16.66 13.31 7.35
N ILE C 155 16.91 13.17 6.04
CA ILE C 155 17.14 11.85 5.44
C ILE C 155 18.47 11.29 5.97
N SER C 156 19.50 12.15 6.03
CA SER C 156 20.80 11.73 6.54
C SER C 156 20.69 11.26 7.99
N GLU C 157 19.92 11.97 8.83
CA GLU C 157 19.75 11.60 10.24
C GLU C 157 19.06 10.23 10.34
N ALA C 158 18.04 10.00 9.50
CA ALA C 158 17.31 8.74 9.52
C ALA C 158 18.22 7.58 9.13
N ILE C 159 19.10 7.78 8.14
CA ILE C 159 20.04 6.74 7.72
C ILE C 159 21.03 6.42 8.86
N GLN C 160 21.66 7.47 9.43
CA GLN C 160 22.67 7.28 10.47
C GLN C 160 22.13 6.65 11.75
N MET C 161 20.88 6.96 12.11
CA MET C 161 20.22 6.42 13.31
C MET C 161 20.22 4.89 13.34
N ARG C 162 20.12 4.24 12.17
CA ARG C 162 20.03 2.77 12.10
C ARG C 162 21.37 2.05 12.06
N THR C 163 22.48 2.77 11.93
CA THR C 163 23.80 2.17 11.87
C THR C 163 24.43 1.97 13.25
N PRO D 5 29.62 -36.06 8.43
CA PRO D 5 28.94 -35.16 9.39
C PRO D 5 27.67 -35.78 9.96
N SER D 6 27.23 -35.32 11.11
N SER D 6 27.23 -35.34 11.13
CA SER D 6 26.00 -35.81 11.74
CA SER D 6 25.99 -35.84 11.76
C SER D 6 24.93 -34.72 11.71
C SER D 6 24.93 -34.74 11.79
N TYR D 7 23.64 -35.09 11.76
CA TYR D 7 22.57 -34.10 11.74
C TYR D 7 21.56 -34.35 12.80
N ARG D 8 21.18 -33.29 13.51
CA ARG D 8 20.15 -33.34 14.53
C ARG D 8 19.25 -32.12 14.38
N VAL D 9 18.02 -32.19 14.94
CA VAL D 9 17.13 -31.03 14.90
C VAL D 9 16.64 -30.72 16.31
N LYS D 10 16.54 -29.42 16.64
CA LYS D 10 16.02 -29.02 17.94
C LYS D 10 14.99 -27.92 17.75
N ARG D 11 13.91 -27.98 18.50
CA ARG D 11 12.87 -26.97 18.45
C ARG D 11 13.09 -26.03 19.63
N MET D 12 13.88 -24.98 19.42
CA MET D 12 14.20 -24.00 20.46
C MET D 12 14.90 -22.78 19.84
N ASP D 13 15.08 -21.73 20.66
CA ASP D 13 15.71 -20.51 20.21
C ASP D 13 17.20 -20.78 19.93
N ILE D 14 17.62 -20.55 18.67
CA ILE D 14 19.04 -20.72 18.27
C ILE D 14 20.00 -19.83 19.09
N ALA D 15 19.48 -18.73 19.67
CA ALA D 15 20.33 -17.89 20.54
C ALA D 15 20.74 -18.62 21.83
N LYS D 16 20.11 -19.78 22.14
CA LYS D 16 20.44 -20.59 23.31
C LYS D 16 21.07 -21.91 22.87
N ASN D 17 21.71 -21.98 21.68
CA ASN D 17 22.29 -23.22 21.19
C ASN D 17 23.40 -23.78 22.08
N ASP D 18 23.66 -25.08 21.94
CA ASP D 18 24.70 -25.77 22.71
C ASP D 18 25.86 -26.20 21.77
N GLU D 19 26.10 -25.42 20.68
CA GLU D 19 27.14 -25.73 19.72
C GLU D 19 28.31 -24.72 19.75
N GLU D 20 29.41 -25.04 19.05
CA GLU D 20 30.64 -24.20 19.08
C GLU D 20 30.55 -22.89 18.31
N CYS D 21 29.57 -22.78 17.42
CA CYS D 21 29.37 -21.56 16.65
C CYS D 21 27.92 -21.54 16.14
N VAL D 22 27.49 -20.36 15.67
CA VAL D 22 26.12 -20.21 15.18
C VAL D 22 26.11 -19.56 13.80
N VAL D 23 25.10 -19.94 13.01
CA VAL D 23 24.88 -19.30 11.72
C VAL D 23 23.68 -18.36 11.93
N ASN D 24 23.86 -17.08 11.59
CA ASN D 24 22.76 -16.13 11.65
C ASN D 24 22.08 -16.11 10.26
N ALA D 25 20.73 -16.01 10.24
CA ALA D 25 19.97 -15.84 8.99
C ALA D 25 19.94 -14.31 8.81
N ALA D 26 21.03 -13.78 8.26
CA ALA D 26 21.30 -12.35 8.22
C ALA D 26 20.67 -11.59 7.05
N ASN D 27 20.62 -10.24 7.15
CA ASN D 27 20.22 -9.41 6.01
C ASN D 27 21.55 -8.83 5.44
N PRO D 28 21.53 -8.38 4.19
CA PRO D 28 22.79 -7.94 3.57
C PRO D 28 23.43 -6.72 4.20
N ARG D 29 22.62 -5.90 4.90
CA ARG D 29 23.11 -4.63 5.44
C ARG D 29 23.63 -4.70 6.88
N GLY D 30 23.61 -5.90 7.46
CA GLY D 30 24.06 -6.06 8.85
C GLY D 30 23.14 -5.39 9.85
N LEU D 31 21.84 -5.24 9.50
CA LEU D 31 20.89 -4.62 10.42
C LEU D 31 20.35 -5.65 11.45
N PRO D 32 19.81 -5.21 12.61
CA PRO D 32 19.27 -6.17 13.60
C PRO D 32 18.16 -7.08 13.06
N GLY D 33 17.36 -6.57 12.10
CA GLY D 33 16.31 -7.37 11.48
C GLY D 33 15.21 -7.88 12.38
N ASP D 34 14.67 -9.06 12.05
CA ASP D 34 13.60 -9.70 12.82
C ASP D 34 13.82 -11.25 12.87
N GLY D 35 12.95 -11.98 13.57
CA GLY D 35 13.08 -13.44 13.68
C GLY D 35 14.41 -13.88 14.27
N VAL D 36 15.06 -14.86 13.61
CA VAL D 36 16.38 -15.37 14.06
C VAL D 36 17.40 -14.23 14.17
N CYS D 37 17.44 -13.33 13.17
CA CYS D 37 18.41 -12.25 13.13
C CYS D 37 18.34 -11.34 14.36
N LYS D 38 17.11 -11.01 14.78
CA LYS D 38 16.92 -10.15 15.96
C LYS D 38 17.34 -10.87 17.25
N ALA D 39 17.08 -12.19 17.35
CA ALA D 39 17.48 -12.96 18.53
C ALA D 39 19.03 -13.01 18.60
N VAL D 40 19.68 -13.15 17.43
CA VAL D 40 21.13 -13.19 17.31
C VAL D 40 21.69 -11.81 17.69
N TYR D 41 21.04 -10.71 17.26
CA TYR D 41 21.49 -9.37 17.62
C TYR D 41 21.42 -9.14 19.15
N LYS D 42 20.35 -9.63 19.80
CA LYS D 42 20.22 -9.44 21.25
C LYS D 42 21.29 -10.26 22.02
N LYS D 43 21.61 -11.46 21.54
CA LYS D 43 22.56 -12.34 22.23
C LYS D 43 24.05 -12.00 21.95
N TRP D 44 24.37 -11.66 20.70
CA TRP D 44 25.76 -11.40 20.29
C TRP D 44 25.85 -10.08 19.48
N PRO D 45 25.47 -8.93 20.09
CA PRO D 45 25.46 -7.66 19.34
C PRO D 45 26.82 -7.29 18.76
N GLU D 46 27.91 -7.64 19.50
CA GLU D 46 29.28 -7.33 19.06
C GLU D 46 29.61 -7.98 17.72
N SER D 47 28.92 -9.11 17.36
CA SER D 47 29.20 -9.75 16.09
C SER D 47 28.62 -8.99 14.89
N PHE D 48 27.88 -7.88 15.11
CA PHE D 48 27.34 -7.11 13.98
C PHE D 48 28.27 -5.96 13.53
N LYS D 49 29.50 -5.90 14.07
CA LYS D 49 30.44 -4.87 13.62
C LYS D 49 30.95 -5.28 12.23
N ASN D 50 30.61 -4.50 11.19
CA ASN D 50 31.03 -4.80 9.82
C ASN D 50 30.58 -6.19 9.37
N SER D 51 29.34 -6.56 9.73
CA SER D 51 28.82 -7.86 9.31
C SER D 51 28.08 -7.80 7.95
N ALA D 52 27.89 -6.60 7.37
CA ALA D 52 27.20 -6.47 6.07
C ALA D 52 27.95 -7.28 5.02
N THR D 53 27.21 -8.03 4.21
CA THR D 53 27.83 -8.89 3.18
C THR D 53 26.75 -9.17 2.10
N PRO D 54 27.15 -9.43 0.85
CA PRO D 54 26.11 -9.58 -0.19
C PRO D 54 25.24 -10.83 -0.06
N VAL D 55 24.12 -10.85 -0.81
CA VAL D 55 23.27 -12.05 -0.89
C VAL D 55 24.10 -13.21 -1.44
N GLY D 56 23.89 -14.41 -0.90
CA GLY D 56 24.61 -15.60 -1.35
C GLY D 56 25.98 -15.78 -0.72
N THR D 57 26.35 -14.93 0.27
CA THR D 57 27.64 -15.04 0.93
C THR D 57 27.50 -15.24 2.45
N ALA D 58 28.63 -15.57 3.11
CA ALA D 58 28.67 -15.69 4.56
C ALA D 58 29.88 -14.90 5.05
N LYS D 59 29.73 -14.23 6.19
CA LYS D 59 30.83 -13.45 6.76
C LYS D 59 30.83 -13.72 8.26
N THR D 60 31.97 -14.19 8.77
CA THR D 60 32.04 -14.52 10.20
C THR D 60 32.60 -13.35 11.00
N VAL D 61 31.95 -13.03 12.14
CA VAL D 61 32.44 -12.01 13.09
C VAL D 61 32.38 -12.64 14.48
N MET D 62 33.49 -12.51 15.25
N MET D 62 33.47 -12.51 15.25
CA MET D 62 33.54 -13.08 16.60
CA MET D 62 33.49 -13.10 16.59
C MET D 62 32.81 -12.23 17.63
C MET D 62 32.75 -12.23 17.60
N CYS D 63 32.15 -12.87 18.60
CA CYS D 63 31.58 -12.16 19.75
C CYS D 63 32.43 -12.79 20.90
N GLY D 64 33.47 -12.09 21.38
CA GLY D 64 34.42 -12.70 22.29
C GLY D 64 35.22 -13.71 21.47
N THR D 65 35.15 -15.00 21.82
CA THR D 65 35.78 -16.04 20.99
C THR D 65 34.69 -16.90 20.29
N TYR D 66 33.40 -16.51 20.39
CA TYR D 66 32.31 -17.31 19.83
C TYR D 66 32.01 -16.82 18.41
N PRO D 67 32.17 -17.70 17.38
CA PRO D 67 31.98 -17.24 15.99
C PRO D 67 30.52 -17.15 15.60
N VAL D 68 30.13 -16.02 14.97
CA VAL D 68 28.76 -15.85 14.43
C VAL D 68 28.97 -15.76 12.91
N ILE D 69 28.45 -16.75 12.17
CA ILE D 69 28.58 -16.80 10.72
C ILE D 69 27.34 -16.18 10.11
N HIS D 70 27.44 -14.92 9.64
CA HIS D 70 26.27 -14.24 9.08
C HIS D 70 26.07 -14.73 7.65
N ALA D 71 24.99 -15.50 7.41
CA ALA D 71 24.75 -16.05 6.06
C ALA D 71 23.53 -15.36 5.47
N VAL D 72 23.70 -14.77 4.26
CA VAL D 72 22.61 -14.01 3.66
C VAL D 72 21.90 -14.81 2.57
N GLY D 73 20.75 -15.36 2.91
CA GLY D 73 19.93 -16.04 1.90
C GLY D 73 19.16 -14.99 1.13
N PRO D 74 18.70 -15.36 -0.09
CA PRO D 74 17.95 -14.42 -0.89
C PRO D 74 16.54 -14.18 -0.34
N ASN D 75 15.98 -12.99 -0.60
CA ASN D 75 14.60 -12.71 -0.24
C ASN D 75 13.81 -13.07 -1.51
N PHE D 76 12.99 -14.14 -1.45
CA PHE D 76 12.19 -14.58 -2.62
C PHE D 76 11.09 -13.59 -3.03
N SER D 77 10.84 -12.52 -2.23
CA SER D 77 9.93 -11.46 -2.70
C SER D 77 10.66 -10.64 -3.80
N ASN D 78 12.02 -10.61 -3.82
CA ASN D 78 12.80 -9.83 -4.77
C ASN D 78 13.36 -10.67 -5.92
N TYR D 79 13.78 -11.91 -5.62
CA TYR D 79 14.40 -12.79 -6.62
C TYR D 79 13.37 -13.68 -7.30
N THR D 80 13.64 -14.09 -8.54
CA THR D 80 12.80 -15.09 -9.21
C THR D 80 13.11 -16.46 -8.55
N GLU D 81 12.26 -17.48 -8.80
CA GLU D 81 12.54 -18.81 -8.25
C GLU D 81 13.91 -19.34 -8.73
N SER D 82 14.19 -19.12 -10.05
CA SER D 82 15.47 -19.59 -10.60
C SER D 82 16.67 -18.92 -9.92
N GLU D 83 16.72 -17.58 -9.93
CA GLU D 83 17.89 -16.89 -9.38
C GLU D 83 18.02 -17.09 -7.87
N GLY D 84 16.88 -17.09 -7.18
CA GLY D 84 16.85 -17.28 -5.73
C GLY D 84 17.37 -18.66 -5.35
N ASP D 85 17.00 -19.69 -6.14
CA ASP D 85 17.46 -21.05 -5.83
C ASP D 85 18.99 -21.12 -5.90
N ARG D 86 19.60 -20.41 -6.87
CA ARG D 86 21.06 -20.39 -7.01
C ARG D 86 21.71 -19.67 -5.82
N GLU D 87 21.14 -18.54 -5.39
CA GLU D 87 21.72 -17.77 -4.26
C GLU D 87 21.57 -18.51 -2.94
N LEU D 88 20.47 -19.26 -2.78
CA LEU D 88 20.23 -20.01 -1.53
C LEU D 88 21.27 -21.14 -1.44
N ALA D 89 21.51 -21.85 -2.56
CA ALA D 89 22.56 -22.87 -2.58
C ALA D 89 23.93 -22.24 -2.25
N ALA D 90 24.21 -21.05 -2.84
CA ALA D 90 25.49 -20.38 -2.63
C ALA D 90 25.69 -19.97 -1.17
N ALA D 91 24.65 -19.42 -0.51
CA ALA D 91 24.80 -19.01 0.91
C ALA D 91 25.19 -20.23 1.77
N TYR D 92 24.52 -21.39 1.54
CA TYR D 92 24.88 -22.58 2.31
C TYR D 92 26.30 -23.06 1.98
N ARG D 93 26.72 -23.01 0.70
N ARG D 93 26.72 -23.01 0.70
CA ARG D 93 28.09 -23.39 0.32
CA ARG D 93 28.09 -23.40 0.33
C ARG D 93 29.13 -22.54 1.07
C ARG D 93 29.11 -22.54 1.10
N GLU D 94 28.85 -21.24 1.22
CA GLU D 94 29.77 -20.33 1.93
C GLU D 94 29.76 -20.60 3.44
N VAL D 95 28.62 -21.01 3.99
CA VAL D 95 28.56 -21.40 5.42
C VAL D 95 29.46 -22.62 5.64
N ALA D 96 29.34 -23.65 4.77
CA ALA D 96 30.17 -24.85 4.92
C ALA D 96 31.68 -24.52 4.84
N LYS D 97 32.09 -23.61 3.91
CA LYS D 97 33.52 -23.23 3.85
C LYS D 97 33.97 -22.58 5.16
N GLU D 98 33.13 -21.71 5.73
CA GLU D 98 33.44 -21.04 7.01
C GLU D 98 33.53 -22.03 8.17
N VAL D 99 32.60 -22.98 8.25
CA VAL D 99 32.63 -24.01 9.30
C VAL D 99 33.94 -24.81 9.21
N THR D 100 34.35 -25.16 7.98
CA THR D 100 35.61 -25.89 7.79
C THR D 100 36.80 -25.03 8.22
N ARG D 101 36.84 -23.78 7.75
CA ARG D 101 37.97 -22.87 8.07
C ARG D 101 38.11 -22.65 9.58
N LEU D 102 36.98 -22.52 10.29
CA LEU D 102 37.00 -22.32 11.76
C LEU D 102 37.47 -23.55 12.54
N GLY D 103 37.35 -24.74 11.95
CA GLY D 103 37.80 -25.96 12.63
C GLY D 103 36.91 -26.41 13.78
N VAL D 104 35.68 -25.87 13.85
CA VAL D 104 34.74 -26.22 14.91
C VAL D 104 34.28 -27.68 14.78
N ASN D 105 33.88 -28.27 15.91
CA ASN D 105 33.35 -29.63 15.89
C ASN D 105 31.81 -29.64 15.76
N SER D 106 31.14 -28.48 15.97
CA SER D 106 29.68 -28.41 15.86
C SER D 106 29.24 -27.02 15.43
N VAL D 107 28.04 -26.95 14.83
CA VAL D 107 27.48 -25.69 14.36
C VAL D 107 25.97 -25.71 14.50
N ALA D 108 25.39 -24.58 14.97
CA ALA D 108 23.94 -24.40 15.09
C ALA D 108 23.48 -23.63 13.84
N ILE D 109 22.49 -24.16 13.11
N ILE D 109 22.52 -24.18 13.07
CA ILE D 109 22.09 -23.52 11.86
CA ILE D 109 22.11 -23.53 11.83
C ILE D 109 20.58 -23.43 11.71
C ILE D 109 20.58 -23.43 11.70
N PRO D 110 20.06 -22.28 11.24
CA PRO D 110 18.61 -22.16 10.98
C PRO D 110 18.35 -22.48 9.49
N LEU D 111 17.06 -22.65 9.09
CA LEU D 111 16.77 -22.86 7.66
C LEU D 111 16.66 -21.50 6.94
N LEU D 112 17.70 -21.16 6.18
CA LEU D 112 17.74 -19.86 5.48
C LEU D 112 16.57 -19.70 4.52
N SER D 113 16.11 -18.46 4.36
CA SER D 113 15.05 -18.04 3.41
C SER D 113 13.69 -18.73 3.67
N THR D 114 13.46 -19.23 4.89
CA THR D 114 12.15 -19.86 5.22
C THR D 114 11.17 -19.02 6.02
N GLY D 115 11.62 -17.86 6.49
CA GLY D 115 10.77 -16.96 7.26
C GLY D 115 10.28 -15.80 6.41
N VAL D 116 10.56 -14.53 6.83
CA VAL D 116 10.13 -13.37 6.05
C VAL D 116 10.81 -13.27 4.66
N TYR D 117 11.89 -14.04 4.40
CA TYR D 117 12.49 -14.06 3.04
C TYR D 117 11.89 -15.18 2.15
N SER D 118 10.84 -15.90 2.64
CA SER D 118 10.29 -17.00 1.83
C SER D 118 9.38 -16.56 0.69
N GLY D 119 9.01 -15.29 0.61
CA GLY D 119 8.07 -14.82 -0.42
C GLY D 119 6.70 -15.45 -0.25
N GLY D 120 6.33 -15.80 1.00
CA GLY D 120 5.03 -16.40 1.30
C GLY D 120 4.86 -17.87 0.92
N LYS D 121 5.97 -18.54 0.58
CA LYS D 121 5.93 -19.96 0.17
C LYS D 121 6.57 -20.84 1.26
N ASP D 122 6.15 -22.12 1.33
CA ASP D 122 6.72 -23.07 2.28
C ASP D 122 8.00 -23.58 1.62
N ARG D 123 9.16 -23.22 2.18
CA ARG D 123 10.46 -23.60 1.63
C ARG D 123 11.27 -24.53 2.49
N LEU D 124 10.61 -25.30 3.39
CA LEU D 124 11.34 -26.22 4.27
C LEU D 124 12.18 -27.22 3.46
N THR D 125 11.55 -27.93 2.50
CA THR D 125 12.26 -28.93 1.73
C THR D 125 13.39 -28.34 0.89
N GLN D 126 13.11 -27.22 0.24
CA GLN D 126 14.10 -26.56 -0.61
C GLN D 126 15.33 -26.13 0.23
N SER D 127 15.07 -25.41 1.32
CA SER D 127 16.16 -24.91 2.16
C SER D 127 16.97 -26.05 2.80
N LEU D 128 16.26 -27.05 3.33
CA LEU D 128 16.92 -28.19 3.95
C LEU D 128 17.75 -28.99 2.92
N ASN D 129 17.26 -29.09 1.66
CA ASN D 129 18.02 -29.82 0.63
C ASN D 129 19.34 -29.09 0.31
N HIS D 130 19.33 -27.74 0.20
CA HIS D 130 20.56 -26.98 -0.03
C HIS D 130 21.49 -27.10 1.21
N LEU D 131 20.92 -27.12 2.40
CA LEU D 131 21.71 -27.26 3.66
C LEU D 131 22.47 -28.59 3.62
N PHE D 132 21.75 -29.72 3.38
CA PHE D 132 22.42 -31.04 3.34
C PHE D 132 23.53 -31.06 2.28
N THR D 133 23.26 -30.53 1.06
CA THR D 133 24.28 -30.55 0.00
C THR D 133 25.58 -29.87 0.40
N ALA D 134 25.47 -28.69 1.01
CA ALA D 134 26.66 -27.97 1.42
C ALA D 134 27.31 -28.59 2.66
N MET D 135 26.51 -28.89 3.69
CA MET D 135 27.09 -29.33 4.97
C MET D 135 27.67 -30.75 4.90
N ASP D 136 27.20 -31.57 3.93
CA ASP D 136 27.77 -32.91 3.76
C ASP D 136 29.27 -32.85 3.47
N SER D 137 29.80 -31.73 2.96
CA SER D 137 31.25 -31.61 2.72
C SER D 137 32.07 -31.28 4.00
N THR D 138 31.41 -31.05 5.13
CA THR D 138 32.09 -30.76 6.39
C THR D 138 32.10 -32.04 7.25
N ASP D 139 32.89 -32.06 8.33
CA ASP D 139 32.84 -33.17 9.28
C ASP D 139 32.27 -32.73 10.67
N ALA D 140 31.64 -31.55 10.73
CA ALA D 140 31.09 -31.03 11.98
C ALA D 140 29.73 -31.66 12.29
N ASP D 141 29.38 -31.67 13.59
CA ASP D 141 28.05 -32.09 14.01
C ASP D 141 27.15 -30.89 13.70
N VAL D 142 26.09 -31.11 12.92
CA VAL D 142 25.19 -30.01 12.54
C VAL D 142 23.91 -30.11 13.34
N VAL D 143 23.48 -29.01 13.98
CA VAL D 143 22.22 -29.02 14.74
C VAL D 143 21.34 -27.93 14.14
N ILE D 144 20.24 -28.35 13.50
CA ILE D 144 19.30 -27.45 12.85
C ILE D 144 18.29 -26.98 13.87
N TYR D 145 18.05 -25.65 13.93
CA TYR D 145 17.09 -25.09 14.89
C TYR D 145 15.83 -24.63 14.18
N CYS D 146 14.66 -24.95 14.76
CA CYS D 146 13.38 -24.50 14.24
C CYS D 146 12.46 -24.10 15.42
N ARG D 147 11.31 -23.49 15.15
CA ARG D 147 10.40 -23.10 16.24
C ARG D 147 9.03 -23.79 16.17
N ASP D 148 8.70 -24.39 15.05
CA ASP D 148 7.38 -25.00 14.83
C ASP D 148 7.42 -26.52 15.02
N LYS D 149 6.41 -27.08 15.75
CA LYS D 149 6.35 -28.52 16.00
C LYS D 149 6.23 -29.36 14.72
N GLU D 150 5.43 -28.89 13.74
CA GLU D 150 5.30 -29.65 12.49
C GLU D 150 6.60 -29.57 11.67
N TRP D 151 7.28 -28.43 11.71
CA TRP D 151 8.57 -28.31 11.01
C TRP D 151 9.62 -29.22 11.67
N GLU D 152 9.62 -29.33 13.02
CA GLU D 152 10.54 -30.24 13.72
C GLU D 152 10.36 -31.69 13.25
N LYS D 153 9.12 -32.14 13.15
CA LYS D 153 8.82 -33.50 12.71
C LYS D 153 9.27 -33.73 11.26
N LYS D 154 9.00 -32.77 10.36
CA LYS D 154 9.39 -32.90 8.96
C LYS D 154 10.90 -32.87 8.76
N ILE D 155 11.62 -32.03 9.53
CA ILE D 155 13.08 -31.99 9.44
C ILE D 155 13.65 -33.30 9.98
N SER D 156 13.12 -33.79 11.12
CA SER D 156 13.57 -35.05 11.68
C SER D 156 13.35 -36.22 10.69
N GLU D 157 12.19 -36.25 10.01
CA GLU D 157 11.91 -37.31 9.03
C GLU D 157 12.89 -37.22 7.86
N ALA D 158 13.22 -36.00 7.41
CA ALA D 158 14.14 -35.84 6.29
C ALA D 158 15.53 -36.30 6.68
N ILE D 159 15.98 -36.06 7.94
CA ILE D 159 17.27 -36.53 8.40
C ILE D 159 17.30 -38.06 8.42
N GLN D 160 16.30 -38.70 9.03
CA GLN D 160 16.27 -40.15 9.13
C GLN D 160 16.18 -40.87 7.78
N MET D 161 15.46 -40.28 6.81
CA MET D 161 15.29 -40.86 5.48
C MET D 161 16.63 -41.02 4.72
N ARG D 162 17.62 -40.16 5.03
CA ARG D 162 18.94 -40.21 4.39
C ARG D 162 19.85 -41.33 4.92
N THR D 163 19.62 -41.77 6.15
CA THR D 163 20.45 -42.79 6.79
C THR D 163 20.16 -44.19 6.23
S DMS E . -7.32 -4.92 0.36
O DMS E . -6.68 -4.73 1.73
C1 DMS E . -8.65 -3.79 0.03
C2 DMS E . -8.38 -6.42 0.40
S DMS F . -17.16 -7.32 16.91
O DMS F . -16.00 -8.31 16.74
C1 DMS F . -16.73 -6.30 18.33
C2 DMS F . -18.43 -8.32 17.72
S DMS G . -28.05 -0.41 13.84
O DMS G . -27.05 -0.17 14.94
C1 DMS G . -28.92 1.12 13.47
C2 DMS G . -29.51 -1.21 14.58
C TRS H . -10.42 -2.18 32.30
C1 TRS H . -10.54 -0.76 31.71
C2 TRS H . -9.23 -2.92 31.67
C3 TRS H . -10.30 -2.14 33.81
N TRS H . -11.66 -2.94 31.94
O1 TRS H . -11.65 -0.05 32.25
O2 TRS H . -7.99 -2.27 31.94
O3 TRS H . -10.27 -3.45 34.39
S DMS I . 1.92 2.87 17.65
O DMS I . 1.10 4.09 17.31
C1 DMS I . 1.29 1.53 16.67
C2 DMS I . 1.43 2.16 19.26
S DMS J . -20.98 -1.34 15.31
O DMS J . -19.76 -1.09 16.16
C1 DMS J . -20.54 -2.55 14.04
C2 DMS J . -21.09 0.05 14.17
S DMS K . -22.30 15.68 8.71
O DMS K . -21.39 16.52 7.94
C1 DMS K . -23.95 15.82 7.91
C2 DMS K . -22.90 16.59 10.18
CL CL L . -20.71 -3.46 18.34
CL CL M . -25.60 2.27 11.97
CL CL N . -20.18 1.67 1.23
S DMS O . -24.56 3.71 1.86
O DMS O . -24.16 2.79 3.00
C1 DMS O . -23.08 3.90 0.84
C2 DMS O . -25.49 2.72 0.66
S DMS P . -24.59 0.41 -15.38
O DMS P . -23.18 -0.03 -15.39
C1 DMS P . -24.73 1.74 -16.62
C2 DMS P . -24.78 1.49 -13.99
CL CL Q . -22.77 1.16 -20.16
N1 A1BCQ R . -16.39 -2.29 -24.98
C4 A1BCQ R . -17.34 -0.30 -19.41
C5 A1BCQ R . -17.18 -0.95 -20.74
C6 A1BCQ R . -16.93 -1.42 -22.75
C7 A1BCQ R . -16.65 -1.10 -24.18
C8 A1BCQ R . -17.43 -2.93 -25.60
C10 A1BCQ R . -15.90 -4.46 -26.58
C13 A1BCQ R . -15.41 0.06 -17.84
O A1BCQ R . -14.18 -2.13 -24.51
C12 A1BCQ R . -15.07 -2.72 -25.11
C11 A1BCQ R . -14.86 -3.84 -25.97
C9 A1BCQ R . -17.21 -3.99 -26.39
N A1BCQ R . -16.84 -0.39 -21.86
N2 A1BCQ R . -17.29 -2.56 -22.24
O1 A1BCQ R . -17.47 -2.25 -20.87
C3 A1BCQ R . -16.10 0.45 -18.97
C2 A1BCQ R . -15.66 1.57 -19.66
C1 A1BCQ R . -14.55 2.27 -19.25
C14 A1BCQ R . -14.29 0.75 -17.41
C A1BCQ R . -13.88 1.87 -18.11
BR A1BCQ R . -12.39 2.86 -17.49
C TRS S . -29.41 15.09 -31.42
C1 TRS S . -30.20 13.78 -31.46
C2 TRS S . -29.75 15.88 -30.16
C3 TRS S . -27.89 14.85 -31.50
N TRS S . -29.81 15.91 -32.61
O1 TRS S . -29.47 12.60 -31.10
O2 TRS S . -31.14 16.16 -30.05
O3 TRS S . -27.13 16.05 -31.33
S DMS T . 9.97 13.24 -6.79
O DMS T . 9.22 12.11 -6.15
C1 DMS T . 8.94 13.88 -8.13
C2 DMS T . 9.81 14.70 -5.73
CL CL U . 13.60 17.59 -1.66
CL CL V . -3.03 3.22 -12.91
CL CL W . 5.97 13.19 -6.88
S DMS X . 20.95 14.71 -23.29
O DMS X . 20.00 13.60 -22.96
C1 DMS X . 21.75 15.28 -21.78
C2 DMS X . 20.01 16.25 -23.55
S DMS Y . 4.85 12.92 -11.48
O DMS Y . 5.06 11.44 -11.49
C1 DMS Y . 5.12 13.51 -13.17
C2 DMS Y . 6.34 13.66 -10.76
S DMS Z . 1.89 -2.17 3.87
O DMS Z . 1.13 -1.00 3.31
C1 DMS Z . 1.81 -3.55 2.72
C2 DMS Z . 0.87 -3.01 5.12
S DMS AA . 9.41 19.13 -0.44
O DMS AA . 10.72 19.74 -0.05
C1 DMS AA . 9.72 17.94 -1.78
C2 DMS AA . 8.50 20.33 -1.46
S DMS BA . 13.60 -17.90 9.51
O DMS BA . 13.54 -16.95 10.69
C1 DMS BA . 13.54 -19.56 10.23
C2 DMS BA . 15.35 -18.01 9.05
S DMS CA . 22.40 -11.37 26.66
O DMS CA . 21.62 -12.38 25.87
C1 DMS CA . 21.43 -9.82 26.45
C2 DMS CA . 23.86 -10.80 25.71
S DMS DA . 15.83 -10.99 8.00
O DMS DA . 16.92 -10.41 8.84
C1 DMS DA . 14.58 -11.69 9.09
C2 DMS DA . 16.36 -12.54 7.23
S DMS EA . 37.14 -14.73 11.48
O DMS EA . 36.50 -16.05 11.78
C1 DMS EA . 36.32 -13.46 12.46
C2 DMS EA . 36.61 -14.06 9.87
CL CL FA . 10.12 -23.09 12.17
CL CL GA . 14.17 -15.80 6.48
S DMS HA . 7.22 -21.59 9.21
O DMS HA . 7.00 -22.68 10.23
C1 DMS HA . 8.89 -20.91 9.47
C2 DMS HA . 6.32 -20.13 9.79
#